data_3TUY
#
_entry.id   3TUY
#
_cell.length_a   50.946
_cell.length_b   69.232
_cell.length_c   79.503
_cell.angle_alpha   77.20
_cell.angle_beta   85.99
_cell.angle_gamma   73.44
#
_symmetry.space_group_name_H-M   'P 1'
#
loop_
_entity.id
_entity.type
_entity.pdbx_description
1 polymer 'Myosin heavy chain'
2 polymer 'Myosin regulatory light chain'
3 polymer 'Myosin essential light chain'
4 non-polymer 'MAGNESIUM ION'
5 non-polymer 'CALCIUM ION'
6 water water
#
loop_
_entity_poly.entity_id
_entity_poly.type
_entity_poly.pdbx_seq_one_letter_code
_entity_poly.pdbx_strand_id
1 'polypeptide(L)' NLEEMRDERLSKIISMFQAHIRGYLIRKAYKKLQDQRIGLSVIQRNIRKWLVLRNWQWWKLYAKVKPLL A,D
2 'polypeptide(L)'
;ADKERAQRAT(SEP)NVFARLPQKLMQEMKEAFTMIDQNRDGFIDINDLKEMFSSLGRTPDDKELTAMLKEAPGPLNFTM
FLSIFSDKLSGTDSEETIRNAFGMFDELDTKKLNIEYIKDLLENMGDNFNKDEMRMTFKEAPVEGGKFDYVRFVAMIKGS
GDDDA
;
B,E
3 'polypeptide(L)'
;PKLSQDEIDDLKEVFELFDFWDGRDGAVDAFKIGDVCRCLGINPRNEDVFAVGGTHKMGEKSLPFEEFLPAYEGLMDCEQ
GTYADYMEAFKTFDREGQGFISGAELRHVLSGLGERLSDEEVDEIINLTDLQEDLEGNVKYEEFVKKVMTGPYPDK
;
C,F
#
loop_
_chem_comp.id
_chem_comp.type
_chem_comp.name
_chem_comp.formula
CA non-polymer 'CALCIUM ION' 'Ca 2'
MG non-polymer 'MAGNESIUM ION' 'Mg 2'
#
# COMPACT_ATOMS: atom_id res chain seq x y z
N ASN A 1 -53.51 -19.61 -37.47
CA ASN A 1 -52.67 -19.03 -36.42
C ASN A 1 -52.53 -19.89 -35.17
N LEU A 2 -53.41 -20.88 -35.00
CA LEU A 2 -53.33 -21.73 -33.82
C LEU A 2 -52.20 -22.73 -33.96
N GLU A 3 -51.77 -22.97 -35.19
CA GLU A 3 -50.68 -23.90 -35.42
C GLU A 3 -49.32 -23.23 -35.25
N GLU A 4 -49.27 -21.94 -35.57
CA GLU A 4 -48.06 -21.17 -35.36
C GLU A 4 -47.84 -20.95 -33.86
N MET A 5 -48.92 -20.66 -33.14
CA MET A 5 -48.84 -20.50 -31.70
C MET A 5 -48.34 -21.75 -31.01
N ARG A 6 -48.77 -22.90 -31.51
CA ARG A 6 -48.37 -24.16 -30.93
C ARG A 6 -46.87 -24.41 -31.11
N ASP A 7 -46.34 -24.11 -32.30
CA ASP A 7 -44.91 -24.31 -32.58
C ASP A 7 -44.04 -23.39 -31.76
N GLU A 8 -44.49 -22.15 -31.59
CA GLU A 8 -43.77 -21.19 -30.78
C GLU A 8 -43.72 -21.62 -29.31
N ARG A 9 -44.83 -22.08 -28.76
CA ARG A 9 -44.84 -22.50 -27.35
C ARG A 9 -43.97 -23.74 -27.11
N LEU A 10 -44.07 -24.73 -27.98
CA LEU A 10 -43.18 -25.88 -27.89
C LEU A 10 -41.72 -25.39 -27.94
N SER A 11 -41.42 -24.47 -28.85
CA SER A 11 -40.04 -24.02 -28.99
C SER A 11 -39.54 -23.18 -27.78
N LYS A 12 -40.46 -22.44 -27.16
CA LYS A 12 -40.16 -21.71 -25.94
C LYS A 12 -39.96 -22.67 -24.78
N ILE A 13 -40.82 -23.68 -24.67
CA ILE A 13 -40.69 -24.66 -23.61
C ILE A 13 -39.33 -25.38 -23.65
N ILE A 14 -38.86 -25.73 -24.84
CA ILE A 14 -37.56 -26.35 -24.98
C ILE A 14 -36.46 -25.40 -24.53
N SER A 15 -36.57 -24.14 -24.96
CA SER A 15 -35.61 -23.13 -24.58
C SER A 15 -35.59 -22.95 -23.09
N MET A 16 -36.74 -23.06 -22.44
CA MET A 16 -36.77 -22.92 -20.99
C MET A 16 -36.05 -24.10 -20.36
N PHE A 17 -36.35 -25.31 -20.84
CA PHE A 17 -35.62 -26.50 -20.42
C PHE A 17 -34.08 -26.39 -20.62
N GLN A 18 -33.64 -25.91 -21.78
CA GLN A 18 -32.22 -25.64 -21.99
C GLN A 18 -31.74 -24.56 -20.99
N ALA A 19 -32.63 -23.63 -20.66
CA ALA A 19 -32.26 -22.63 -19.67
C ALA A 19 -31.98 -23.37 -18.37
N HIS A 20 -32.86 -24.33 -18.04
CA HIS A 20 -32.68 -25.15 -16.84
C HIS A 20 -31.38 -25.92 -16.81
N ILE A 21 -30.95 -26.39 -17.98
CA ILE A 21 -29.72 -27.14 -18.06
C ILE A 21 -28.54 -26.18 -17.88
N ARG A 22 -28.57 -25.05 -18.59
CA ARG A 22 -27.55 -24.01 -18.44
C ARG A 22 -27.39 -23.61 -16.98
N GLY A 23 -28.52 -23.40 -16.30
CA GLY A 23 -28.53 -23.09 -14.89
C GLY A 23 -27.76 -24.15 -14.12
N TYR A 24 -28.14 -25.40 -14.34
CA TYR A 24 -27.57 -26.53 -13.61
C TYR A 24 -26.06 -26.60 -13.77
N LEU A 25 -25.59 -26.46 -15.00
CA LEU A 25 -24.17 -26.51 -15.29
C LEU A 25 -23.37 -25.44 -14.55
N ILE A 26 -23.84 -24.20 -14.57
CA ILE A 26 -23.14 -23.15 -13.85
C ILE A 26 -23.18 -23.41 -12.35
N ARG A 27 -24.35 -23.64 -11.77
CA ARG A 27 -24.38 -23.92 -10.34
C ARG A 27 -23.49 -25.11 -9.98
N LYS A 28 -23.39 -26.08 -10.87
CA LYS A 28 -22.54 -27.22 -10.61
C LYS A 28 -21.08 -26.77 -10.42
N ALA A 29 -20.65 -25.81 -11.24
CA ALA A 29 -19.25 -25.35 -11.28
C ALA A 29 -18.89 -24.28 -10.23
N TYR A 30 -19.87 -23.82 -9.49
CA TYR A 30 -19.70 -22.67 -8.64
C TYR A 30 -18.62 -22.86 -7.58
N LYS A 31 -18.77 -23.91 -6.79
CA LYS A 31 -17.85 -24.22 -5.72
C LYS A 31 -16.38 -24.30 -6.16
N LYS A 32 -16.13 -24.93 -7.30
CA LYS A 32 -14.79 -25.01 -7.83
C LYS A 32 -14.33 -23.63 -8.30
N LEU A 33 -15.27 -22.82 -8.77
CA LEU A 33 -14.91 -21.48 -9.20
C LEU A 33 -14.44 -20.66 -8.01
N GLN A 34 -15.07 -20.85 -6.86
CA GLN A 34 -14.66 -20.16 -5.65
C GLN A 34 -13.29 -20.62 -5.16
N ASP A 35 -13.12 -21.94 -5.07
CA ASP A 35 -11.83 -22.48 -4.65
C ASP A 35 -10.72 -21.99 -5.57
N GLN A 36 -10.94 -22.05 -6.86
CA GLN A 36 -9.95 -21.57 -7.81
C GLN A 36 -9.63 -20.09 -7.64
N ARG A 37 -10.62 -19.30 -7.23
CA ARG A 37 -10.40 -17.89 -6.96
C ARG A 37 -9.36 -17.75 -5.87
N ILE A 38 -9.55 -18.50 -4.78
CA ILE A 38 -8.56 -18.54 -3.70
C ILE A 38 -7.20 -19.05 -4.19
N GLY A 39 -7.20 -20.20 -4.87
CA GLY A 39 -5.99 -20.74 -5.44
C GLY A 39 -5.21 -19.70 -6.25
N LEU A 40 -5.89 -19.01 -7.16
CA LEU A 40 -5.22 -18.04 -8.01
C LEU A 40 -4.73 -16.81 -7.24
N SER A 41 -5.40 -16.48 -6.15
CA SER A 41 -4.89 -15.45 -5.26
C SER A 41 -3.60 -15.90 -4.58
N VAL A 42 -3.60 -17.13 -4.07
CA VAL A 42 -2.39 -17.73 -3.51
C VAL A 42 -1.24 -17.68 -4.51
N ILE A 43 -1.48 -18.15 -5.72
CA ILE A 43 -0.44 -18.14 -6.73
C ILE A 43 0.09 -16.74 -7.09
N GLN A 44 -0.80 -15.76 -7.31
CA GLN A 44 -0.33 -14.44 -7.77
C GLN A 44 0.40 -13.69 -6.67
N ARG A 45 -0.10 -13.83 -5.44
CA ARG A 45 0.48 -13.14 -4.31
C ARG A 45 1.88 -13.66 -3.99
N ASN A 46 2.01 -14.98 -3.96
CA ASN A 46 3.29 -15.61 -3.69
C ASN A 46 4.35 -15.41 -4.76
N ILE A 47 3.97 -15.45 -6.02
CA ILE A 47 4.92 -15.12 -7.06
C ILE A 47 5.34 -13.67 -6.87
N ARG A 48 4.38 -12.78 -6.63
CA ARG A 48 4.73 -11.38 -6.43
C ARG A 48 5.69 -11.15 -5.24
N LYS A 49 5.52 -11.90 -4.15
CA LYS A 49 6.41 -11.79 -3.00
C LYS A 49 7.83 -12.19 -3.40
N TRP A 50 7.94 -13.39 -3.98
CA TRP A 50 9.20 -13.86 -4.52
C TRP A 50 9.95 -12.78 -5.35
N LEU A 51 9.29 -12.21 -6.36
CA LEU A 51 9.91 -11.25 -7.28
C LEU A 51 10.53 -10.05 -6.57
N VAL A 52 9.98 -9.71 -5.43
CA VAL A 52 10.46 -8.58 -4.68
C VAL A 52 11.59 -9.01 -3.78
N LEU A 53 11.40 -10.16 -3.17
CA LEU A 53 12.23 -10.59 -2.08
C LEU A 53 13.44 -11.47 -2.50
N ARG A 54 13.50 -11.91 -3.75
CA ARG A 54 14.50 -12.88 -4.17
C ARG A 54 15.93 -12.34 -4.31
N ASN A 55 16.12 -11.03 -4.42
CA ASN A 55 17.46 -10.48 -4.44
C ASN A 55 17.82 -9.75 -3.16
N TRP A 56 16.95 -9.86 -2.17
CA TRP A 56 17.15 -9.22 -0.90
C TRP A 56 17.96 -10.17 -0.03
N GLN A 57 19.10 -9.70 0.46
CA GLN A 57 20.02 -10.58 1.19
C GLN A 57 19.42 -11.22 2.45
N TRP A 58 18.63 -10.46 3.22
CA TRP A 58 17.91 -11.05 4.36
C TRP A 58 17.10 -12.26 3.98
N TRP A 59 16.40 -12.19 2.85
CA TRP A 59 15.58 -13.31 2.41
C TRP A 59 16.45 -14.48 2.01
N LYS A 60 17.50 -14.21 1.24
CA LYS A 60 18.40 -15.29 0.86
C LYS A 60 18.89 -16.05 2.10
N LEU A 61 19.25 -15.31 3.14
CA LEU A 61 19.61 -15.93 4.42
C LEU A 61 18.43 -16.71 4.99
N TYR A 62 17.33 -16.00 5.23
CA TYR A 62 16.14 -16.60 5.82
C TYR A 62 15.76 -17.95 5.16
N ALA A 63 15.89 -18.03 3.86
CA ALA A 63 15.49 -19.23 3.15
C ALA A 63 16.47 -20.39 3.33
N LYS A 64 17.77 -20.09 3.43
CA LYS A 64 18.76 -21.12 3.73
C LYS A 64 18.62 -21.62 5.17
N VAL A 65 18.06 -20.78 6.04
CA VAL A 65 17.89 -21.09 7.45
C VAL A 65 16.61 -21.89 7.76
N LYS A 66 15.61 -21.75 6.91
CA LYS A 66 14.27 -22.28 7.17
C LYS A 66 14.17 -23.82 7.15
N PRO A 67 14.95 -24.49 6.27
CA PRO A 67 14.98 -25.95 6.23
C PRO A 67 15.66 -26.58 7.45
N LEU A 68 16.48 -25.80 8.15
CA LEU A 68 17.09 -26.24 9.39
C LEU A 68 16.09 -26.10 10.53
N LEU A 69 14.95 -25.44 10.23
CA LEU A 69 13.95 -24.97 11.20
C LEU A 69 14.22 -23.50 11.62
N ARG B 16 -4.02 -11.57 9.26
CA ARG B 16 -2.58 -11.32 9.15
C ARG B 16 -2.01 -10.77 10.47
N LEU B 17 -0.83 -11.22 10.88
CA LEU B 17 -0.03 -12.26 10.21
C LEU B 17 -0.06 -13.54 11.06
N PRO B 18 -0.30 -14.69 10.42
CA PRO B 18 -0.61 -15.95 11.12
C PRO B 18 0.42 -16.43 12.14
N GLN B 19 -0.04 -17.16 13.15
CA GLN B 19 0.84 -17.63 14.23
C GLN B 19 1.95 -18.54 13.74
N LYS B 20 1.63 -19.47 12.86
CA LYS B 20 2.64 -20.43 12.48
C LYS B 20 3.81 -19.71 11.81
N LEU B 21 3.50 -18.57 11.19
CA LEU B 21 4.50 -17.73 10.53
C LEU B 21 5.31 -16.94 11.56
N MET B 22 4.63 -16.45 12.59
CA MET B 22 5.31 -15.78 13.70
C MET B 22 6.23 -16.76 14.41
N GLN B 23 5.79 -18.01 14.54
CA GLN B 23 6.59 -19.03 15.21
C GLN B 23 7.83 -19.36 14.39
N GLU B 24 7.67 -19.31 13.07
CA GLU B 24 8.77 -19.55 12.15
C GLU B 24 9.78 -18.39 12.20
N MET B 25 9.29 -17.16 12.19
CA MET B 25 10.19 -16.03 12.24
C MET B 25 10.97 -16.07 13.52
N LYS B 26 10.29 -16.38 14.63
CA LYS B 26 10.94 -16.50 15.93
C LYS B 26 12.02 -17.60 15.96
N GLU B 27 11.75 -18.75 15.34
CA GLU B 27 12.71 -19.86 15.29
C GLU B 27 13.91 -19.46 14.44
N ALA B 28 13.64 -18.79 13.33
CA ALA B 28 14.70 -18.27 12.50
C ALA B 28 15.56 -17.26 13.26
N PHE B 29 14.92 -16.35 13.99
CA PHE B 29 15.66 -15.36 14.75
C PHE B 29 16.60 -16.08 15.71
N THR B 30 16.03 -17.07 16.40
CA THR B 30 16.73 -17.81 17.44
C THR B 30 17.98 -18.53 16.94
N MET B 31 17.90 -19.16 15.76
CA MET B 31 19.05 -19.85 15.24
C MET B 31 20.14 -18.90 14.78
N ILE B 32 19.75 -17.80 14.14
CA ILE B 32 20.73 -16.82 13.69
C ILE B 32 21.39 -16.16 14.89
N ASP B 33 20.66 -16.01 15.98
CA ASP B 33 21.23 -15.41 17.18
C ASP B 33 22.15 -16.39 17.92
N GLN B 34 23.26 -16.75 17.29
CA GLN B 34 24.18 -17.71 17.90
C GLN B 34 24.59 -17.36 19.35
N ASN B 35 24.85 -16.07 19.64
CA ASN B 35 25.12 -15.64 21.02
C ASN B 35 24.08 -16.06 22.06
N ARG B 36 22.81 -16.15 21.65
CA ARG B 36 21.70 -16.27 22.59
C ARG B 36 21.77 -15.05 23.50
N ASP B 37 22.30 -13.98 22.90
CA ASP B 37 22.13 -12.54 23.09
C ASP B 37 20.74 -11.96 23.27
N GLY B 38 19.78 -12.48 22.52
CA GLY B 38 18.56 -11.75 22.25
C GLY B 38 18.78 -10.66 21.19
N PHE B 39 19.97 -10.59 20.61
CA PHE B 39 20.26 -9.64 19.52
C PHE B 39 21.04 -10.36 18.44
N ILE B 40 20.71 -10.07 17.18
CA ILE B 40 21.58 -10.49 16.08
C ILE B 40 22.59 -9.36 15.81
N ASP B 41 23.88 -9.67 15.89
CA ASP B 41 24.91 -8.69 15.58
C ASP B 41 25.79 -9.25 14.47
N ILE B 42 26.87 -8.57 14.13
CA ILE B 42 27.63 -8.97 12.96
C ILE B 42 28.34 -10.31 13.15
N ASN B 43 28.72 -10.62 14.39
CA ASN B 43 29.26 -11.94 14.70
C ASN B 43 28.25 -13.08 14.50
N ASP B 44 27.02 -12.87 14.94
CA ASP B 44 25.97 -13.87 14.71
C ASP B 44 25.86 -14.12 13.23
N LEU B 45 25.81 -13.04 12.47
CA LEU B 45 25.67 -13.13 11.02
C LEU B 45 26.87 -13.82 10.38
N LYS B 46 28.08 -13.45 10.76
CA LYS B 46 29.25 -14.12 10.18
C LYS B 46 29.20 -15.62 10.52
N GLU B 47 28.86 -15.92 11.77
CA GLU B 47 28.69 -17.29 12.22
C GLU B 47 27.65 -18.06 11.42
N MET B 48 26.47 -17.47 11.25
CA MET B 48 25.41 -18.14 10.53
C MET B 48 25.77 -18.35 9.07
N PHE B 49 26.31 -17.31 8.43
CA PHE B 49 26.66 -17.40 7.02
C PHE B 49 27.72 -18.45 6.76
N SER B 50 28.76 -18.43 7.60
CA SER B 50 29.84 -19.41 7.46
C SER B 50 29.39 -20.85 7.68
N SER B 51 28.30 -21.04 8.42
CA SER B 51 27.75 -22.39 8.65
C SER B 51 27.01 -22.90 7.43
N LEU B 52 26.73 -22.00 6.50
CA LEU B 52 25.87 -22.32 5.35
C LEU B 52 26.61 -22.31 4.01
N GLY B 53 27.77 -21.66 3.97
CA GLY B 53 28.52 -21.53 2.72
C GLY B 53 29.42 -20.31 2.67
N ARG B 54 29.45 -19.63 1.52
CA ARG B 54 30.29 -18.45 1.36
C ARG B 54 29.81 -17.36 2.31
N THR B 55 30.75 -16.75 3.01
CA THR B 55 30.40 -15.71 3.95
C THR B 55 30.64 -14.32 3.35
N PRO B 56 29.61 -13.47 3.36
CA PRO B 56 29.71 -12.13 2.78
C PRO B 56 30.75 -11.27 3.49
N ASP B 57 31.32 -10.31 2.78
CA ASP B 57 32.30 -9.41 3.38
C ASP B 57 31.63 -8.54 4.43
N ASP B 58 32.42 -7.96 5.33
CA ASP B 58 31.89 -7.18 6.45
C ASP B 58 31.05 -5.99 6.00
N LYS B 59 31.26 -5.54 4.77
CA LYS B 59 30.47 -4.44 4.24
C LYS B 59 29.03 -4.88 4.00
N GLU B 60 28.85 -6.01 3.32
CA GLU B 60 27.52 -6.54 3.06
C GLU B 60 26.76 -6.82 4.36
N LEU B 61 27.46 -7.39 5.34
CA LEU B 61 26.87 -7.71 6.64
C LEU B 61 26.39 -6.48 7.39
N THR B 62 27.23 -5.44 7.46
CA THR B 62 26.85 -4.20 8.16
C THR B 62 25.70 -3.53 7.43
N ALA B 63 25.73 -3.59 6.11
CA ALA B 63 24.63 -3.02 5.34
C ALA B 63 23.31 -3.73 5.68
N MET B 64 23.33 -5.07 5.74
CA MET B 64 22.16 -5.82 6.22
C MET B 64 21.70 -5.34 7.58
N LEU B 65 22.65 -5.11 8.48
CA LEU B 65 22.30 -4.69 9.84
C LEU B 65 21.76 -3.26 9.93
N LYS B 66 22.20 -2.39 9.02
CA LYS B 66 21.72 -1.02 8.98
C LYS B 66 20.26 -0.89 8.49
N GLU B 67 19.70 -1.96 7.93
CA GLU B 67 18.29 -1.92 7.53
C GLU B 67 17.42 -1.87 8.76
N ALA B 68 18.03 -2.13 9.91
CA ALA B 68 17.31 -2.01 11.15
C ALA B 68 17.70 -0.66 11.75
N PRO B 69 16.70 0.18 12.08
CA PRO B 69 16.99 1.49 12.64
C PRO B 69 17.40 1.41 14.11
N GLY B 70 17.79 0.23 14.56
CA GLY B 70 18.23 0.03 15.93
C GLY B 70 18.89 -1.33 16.13
N PRO B 71 19.24 -1.64 17.38
CA PRO B 71 19.80 -2.94 17.75
C PRO B 71 18.84 -4.03 17.33
N LEU B 72 19.36 -5.07 16.70
CA LEU B 72 18.53 -6.06 16.04
C LEU B 72 18.12 -7.05 17.15
N ASN B 73 17.03 -6.73 17.82
CA ASN B 73 16.38 -7.67 18.72
C ASN B 73 15.28 -8.35 17.93
N PHE B 74 14.46 -9.16 18.59
CA PHE B 74 13.42 -9.87 17.90
C PHE B 74 12.35 -8.92 17.39
N THR B 75 11.96 -7.92 18.18
CA THR B 75 10.91 -7.01 17.66
C THR B 75 11.43 -6.23 16.43
N MET B 76 12.73 -5.97 16.40
CA MET B 76 13.31 -5.36 15.21
C MET B 76 13.31 -6.34 14.00
N PHE B 77 13.58 -7.61 14.26
CA PHE B 77 13.61 -8.63 13.21
C PHE B 77 12.23 -8.70 12.55
N LEU B 78 11.21 -8.61 13.38
CA LEU B 78 9.81 -8.56 12.94
C LEU B 78 9.53 -7.39 12.03
N SER B 79 10.08 -6.23 12.38
CA SER B 79 9.94 -5.01 11.57
C SER B 79 10.49 -5.22 10.17
N ILE B 80 11.61 -5.90 10.11
CA ILE B 80 12.31 -6.13 8.85
C ILE B 80 11.60 -7.17 7.95
N PHE B 81 10.97 -8.17 8.54
CA PHE B 81 10.42 -9.26 7.72
C PHE B 81 8.92 -9.25 7.56
N SER B 82 8.20 -8.62 8.48
CA SER B 82 6.75 -8.77 8.55
C SER B 82 6.01 -8.43 7.28
N ASP B 83 6.33 -7.30 6.68
CA ASP B 83 5.60 -6.86 5.51
C ASP B 83 5.96 -7.74 4.34
N LYS B 84 7.23 -8.08 4.23
CA LYS B 84 7.68 -8.89 3.10
C LYS B 84 7.17 -10.33 3.14
N LEU B 85 6.88 -10.85 4.33
CA LEU B 85 6.41 -12.22 4.48
C LEU B 85 4.91 -12.35 4.69
N SER B 86 4.23 -11.25 4.97
CA SER B 86 2.90 -11.34 5.54
C SER B 86 1.90 -12.13 4.69
N GLY B 87 2.02 -12.03 3.38
CA GLY B 87 1.10 -12.76 2.52
C GLY B 87 1.63 -14.07 1.94
N THR B 88 2.67 -14.64 2.52
CA THR B 88 3.28 -15.81 1.90
C THR B 88 2.70 -17.08 2.47
N ASP B 89 2.78 -18.16 1.70
CA ASP B 89 2.18 -19.43 2.09
C ASP B 89 3.20 -20.53 1.96
N SER B 90 2.94 -21.64 2.65
CA SER B 90 3.83 -22.77 2.62
C SER B 90 3.85 -23.37 1.22
N GLU B 91 4.95 -24.03 0.91
CA GLU B 91 5.09 -24.82 -0.30
C GLU B 91 3.85 -25.69 -0.57
N GLU B 92 3.32 -26.32 0.47
CA GLU B 92 2.17 -27.18 0.29
C GLU B 92 0.93 -26.39 -0.16
N THR B 93 0.66 -25.30 0.54
CA THR B 93 -0.47 -24.46 0.19
C THR B 93 -0.38 -24.02 -1.27
N ILE B 94 0.80 -23.64 -1.71
CA ILE B 94 0.96 -23.15 -3.06
C ILE B 94 0.81 -24.27 -4.10
N ARG B 95 1.31 -25.47 -3.80
CA ARG B 95 1.17 -26.60 -4.72
C ARG B 95 -0.30 -27.02 -4.88
N ASN B 96 -1.04 -26.97 -3.77
CA ASN B 96 -2.45 -27.26 -3.87
C ASN B 96 -3.23 -26.14 -4.57
N ALA B 97 -2.68 -24.92 -4.54
CA ALA B 97 -3.30 -23.83 -5.28
C ALA B 97 -3.16 -24.14 -6.76
N PHE B 98 -1.97 -24.60 -7.18
CA PHE B 98 -1.79 -25.04 -8.55
C PHE B 98 -2.66 -26.27 -8.84
N GLY B 99 -2.73 -27.21 -7.89
CA GLY B 99 -3.51 -28.44 -8.07
C GLY B 99 -4.95 -28.13 -8.47
N MET B 100 -5.47 -27.06 -7.90
CA MET B 100 -6.77 -26.49 -8.23
C MET B 100 -7.08 -26.41 -9.72
N PHE B 101 -6.04 -26.29 -10.55
CA PHE B 101 -6.22 -26.13 -12.00
C PHE B 101 -5.65 -27.35 -12.71
N ASP B 102 -5.37 -28.40 -11.92
CA ASP B 102 -4.82 -29.63 -12.43
C ASP B 102 -5.73 -30.79 -11.99
N GLU B 103 -6.89 -30.90 -12.64
CA GLU B 103 -7.91 -31.86 -12.22
C GLU B 103 -7.40 -33.31 -12.18
N LEU B 104 -6.68 -33.72 -13.23
CA LEU B 104 -6.19 -35.08 -13.30
C LEU B 104 -4.85 -35.25 -12.58
N ASP B 105 -4.44 -34.24 -11.83
CA ASP B 105 -3.23 -34.35 -11.01
C ASP B 105 -2.00 -34.80 -11.81
N THR B 106 -1.83 -34.24 -13.00
CA THR B 106 -0.66 -34.51 -13.83
C THR B 106 0.61 -33.87 -13.25
N LYS B 107 0.44 -32.98 -12.26
CA LYS B 107 1.53 -32.18 -11.64
C LYS B 107 2.11 -31.16 -12.62
N LYS B 108 1.40 -30.93 -13.72
CA LYS B 108 1.77 -29.93 -14.71
C LYS B 108 0.56 -29.07 -15.09
N LEU B 109 0.83 -28.00 -15.79
CA LEU B 109 -0.17 -27.10 -16.31
C LEU B 109 0.26 -26.75 -17.72
N ASN B 110 -0.68 -26.70 -18.67
CA ASN B 110 -0.39 -26.18 -20.00
C ASN B 110 0.11 -24.75 -19.89
N ILE B 111 1.28 -24.49 -20.46
CA ILE B 111 1.89 -23.16 -20.43
C ILE B 111 0.94 -22.01 -20.83
N GLU B 112 0.07 -22.27 -21.81
CA GLU B 112 -0.85 -21.25 -22.26
C GLU B 112 -1.90 -21.00 -21.18
N TYR B 113 -2.32 -22.05 -20.50
CA TYR B 113 -3.33 -21.97 -19.45
C TYR B 113 -2.86 -21.09 -18.29
N ILE B 114 -1.75 -21.48 -17.65
CA ILE B 114 -1.22 -20.69 -16.53
C ILE B 114 -0.86 -19.24 -16.92
N LYS B 115 -0.34 -19.03 -18.13
CA LYS B 115 -0.09 -17.66 -18.58
C LYS B 115 -1.38 -16.88 -18.60
N ASP B 116 -2.44 -17.49 -19.12
CA ASP B 116 -3.74 -16.85 -19.21
C ASP B 116 -4.27 -16.47 -17.83
N LEU B 117 -4.33 -17.44 -16.93
CA LEU B 117 -4.79 -17.18 -15.57
C LEU B 117 -4.05 -15.98 -14.97
N LEU B 118 -2.73 -16.01 -15.05
CA LEU B 118 -1.90 -15.00 -14.43
C LEU B 118 -2.14 -13.59 -14.99
N GLU B 119 -2.36 -13.52 -16.30
CA GLU B 119 -2.29 -12.25 -17.02
C GLU B 119 -3.65 -11.59 -17.21
N ASN B 120 -4.69 -12.41 -17.33
CA ASN B 120 -5.99 -11.85 -17.72
C ASN B 120 -7.09 -12.02 -16.70
N MET B 121 -6.78 -12.67 -15.59
CA MET B 121 -7.76 -12.92 -14.56
C MET B 121 -7.20 -12.57 -13.17
N GLY B 122 -8.07 -12.49 -12.16
CA GLY B 122 -7.66 -12.17 -10.81
C GLY B 122 -6.98 -10.82 -10.74
N ASP B 123 -5.88 -10.73 -10.01
CA ASP B 123 -5.11 -9.50 -9.99
C ASP B 123 -4.02 -9.56 -11.07
N ASN B 124 -4.42 -9.16 -12.27
CA ASN B 124 -3.65 -9.35 -13.50
C ASN B 124 -2.19 -9.06 -13.32
N PHE B 125 -1.36 -9.83 -14.00
CA PHE B 125 0.06 -9.55 -14.04
C PHE B 125 0.31 -8.61 -15.18
N ASN B 126 1.06 -7.54 -14.94
CA ASN B 126 1.41 -6.65 -16.02
C ASN B 126 2.52 -7.29 -16.86
N LYS B 127 2.90 -6.67 -17.98
CA LYS B 127 3.86 -7.30 -18.89
C LYS B 127 5.22 -7.63 -18.27
N ASP B 128 5.64 -6.80 -17.31
CA ASP B 128 6.92 -6.96 -16.61
C ASP B 128 6.90 -8.08 -15.56
N GLU B 129 5.78 -8.22 -14.86
CA GLU B 129 5.62 -9.33 -13.93
C GLU B 129 5.62 -10.66 -14.69
N MET B 130 5.01 -10.68 -15.87
CA MET B 130 5.00 -11.90 -16.66
C MET B 130 6.41 -12.24 -17.12
N ARG B 131 7.20 -11.23 -17.47
CA ARG B 131 8.53 -11.48 -18.03
C ARG B 131 9.43 -12.10 -16.98
N MET B 132 9.43 -11.52 -15.78
CA MET B 132 10.30 -12.01 -14.73
C MET B 132 9.81 -13.36 -14.18
N THR B 133 8.52 -13.61 -14.27
CA THR B 133 7.97 -14.89 -13.83
C THR B 133 8.46 -16.02 -14.72
N PHE B 134 8.41 -15.83 -16.02
CA PHE B 134 8.70 -16.94 -16.93
C PHE B 134 10.12 -17.00 -17.49
N LYS B 135 10.96 -16.07 -17.05
CA LYS B 135 12.35 -16.04 -17.47
C LYS B 135 13.03 -17.36 -17.10
N GLU B 136 12.81 -17.83 -15.89
CA GLU B 136 13.48 -19.02 -15.40
C GLU B 136 12.56 -20.18 -15.02
N ALA B 137 11.28 -20.09 -15.40
CA ALA B 137 10.31 -21.13 -15.05
C ALA B 137 10.61 -22.47 -15.77
N PRO B 138 10.41 -23.60 -15.08
CA PRO B 138 10.66 -24.92 -15.67
C PRO B 138 9.51 -25.38 -16.59
N VAL B 139 9.64 -25.12 -17.89
CA VAL B 139 8.59 -25.40 -18.86
C VAL B 139 9.15 -26.26 -20.00
N GLU B 140 8.54 -27.42 -20.21
CA GLU B 140 9.02 -28.34 -21.23
C GLU B 140 7.83 -28.94 -21.98
N GLY B 141 7.89 -28.90 -23.31
CA GLY B 141 6.83 -29.44 -24.15
C GLY B 141 5.46 -28.81 -23.91
N GLY B 142 5.44 -27.53 -23.58
CA GLY B 142 4.19 -26.85 -23.31
C GLY B 142 3.71 -27.01 -21.88
N LYS B 143 4.52 -27.68 -21.06
CA LYS B 143 4.12 -28.03 -19.71
C LYS B 143 4.89 -27.27 -18.62
N PHE B 144 4.15 -26.50 -17.82
CA PHE B 144 4.67 -25.76 -16.70
C PHE B 144 4.78 -26.69 -15.51
N ASP B 145 6.01 -26.94 -15.07
CA ASP B 145 6.28 -27.80 -13.92
C ASP B 145 6.09 -27.04 -12.62
N TYR B 146 4.87 -27.06 -12.10
CA TYR B 146 4.53 -26.18 -11.00
C TYR B 146 5.09 -26.61 -9.66
N VAL B 147 5.31 -27.91 -9.49
CA VAL B 147 5.98 -28.41 -8.30
C VAL B 147 7.42 -27.89 -8.20
N ARG B 148 8.16 -28.01 -9.29
CA ARG B 148 9.51 -27.47 -9.41
C ARG B 148 9.48 -25.94 -9.31
N PHE B 149 8.47 -25.34 -9.91
CA PHE B 149 8.32 -23.89 -9.82
C PHE B 149 8.12 -23.44 -8.38
N VAL B 150 7.30 -24.16 -7.62
CA VAL B 150 7.10 -23.81 -6.22
C VAL B 150 8.43 -23.89 -5.44
N ALA B 151 9.21 -24.92 -5.73
CA ALA B 151 10.47 -25.09 -5.02
C ALA B 151 11.36 -23.88 -5.28
N MET B 152 11.33 -23.38 -6.51
CA MET B 152 12.18 -22.28 -6.88
C MET B 152 11.81 -20.97 -6.17
N ILE B 153 10.51 -20.70 -6.02
CA ILE B 153 10.11 -19.45 -5.39
C ILE B 153 10.18 -19.50 -3.86
N LYS B 154 10.50 -20.67 -3.31
CA LYS B 154 10.61 -20.79 -1.87
C LYS B 154 12.07 -20.85 -1.41
N GLY B 155 13.02 -21.02 -2.32
CA GLY B 155 14.37 -21.29 -1.86
C GLY B 155 15.62 -20.78 -2.57
N SER B 156 15.75 -19.46 -2.74
CA SER B 156 17.04 -18.86 -3.18
C SER B 156 17.84 -18.23 -2.03
N LYS C 2 -38.64 -4.80 -2.78
CA LYS C 2 -38.89 -6.18 -3.22
C LYS C 2 -37.74 -7.14 -2.89
N LEU C 3 -36.51 -6.74 -3.22
CA LEU C 3 -35.33 -7.59 -3.05
C LEU C 3 -34.87 -7.69 -1.60
N SER C 4 -34.91 -8.89 -1.03
CA SER C 4 -34.51 -9.04 0.36
C SER C 4 -33.04 -8.72 0.47
N GLN C 5 -32.66 -8.10 1.57
CA GLN C 5 -31.27 -7.75 1.80
C GLN C 5 -30.44 -9.02 1.82
N ASP C 6 -31.06 -10.11 2.26
CA ASP C 6 -30.46 -11.43 2.19
C ASP C 6 -30.00 -11.68 0.75
N GLU C 7 -30.86 -11.35 -0.21
CA GLU C 7 -30.64 -11.59 -1.62
C GLU C 7 -29.58 -10.68 -2.21
N ILE C 8 -29.59 -9.41 -1.80
CA ILE C 8 -28.63 -8.41 -2.27
C ILE C 8 -27.23 -8.81 -1.86
N ASP C 9 -27.13 -9.48 -0.72
CA ASP C 9 -25.86 -9.99 -0.22
C ASP C 9 -25.32 -11.05 -1.15
N ASP C 10 -26.16 -12.03 -1.47
CA ASP C 10 -25.76 -13.11 -2.37
C ASP C 10 -25.26 -12.57 -3.71
N LEU C 11 -26.00 -11.62 -4.26
CA LEU C 11 -25.62 -10.96 -5.49
C LEU C 11 -24.24 -10.32 -5.38
N LYS C 12 -23.94 -9.68 -4.26
CA LYS C 12 -22.61 -9.08 -4.11
C LYS C 12 -21.53 -10.17 -4.15
N GLU C 13 -21.72 -11.22 -3.35
CA GLU C 13 -20.76 -12.30 -3.25
C GLU C 13 -20.43 -12.81 -4.66
N VAL C 14 -21.48 -13.15 -5.40
CA VAL C 14 -21.32 -13.71 -6.73
C VAL C 14 -20.69 -12.71 -7.69
N PHE C 15 -21.12 -11.46 -7.57
CA PHE C 15 -20.64 -10.39 -8.43
C PHE C 15 -19.13 -10.28 -8.30
N GLU C 16 -18.65 -10.28 -7.07
CA GLU C 16 -17.20 -10.17 -6.77
C GLU C 16 -16.39 -11.34 -7.30
N LEU C 17 -16.96 -12.55 -7.20
CA LEU C 17 -16.35 -13.72 -7.78
C LEU C 17 -16.12 -13.52 -9.26
N PHE C 18 -17.18 -13.11 -9.97
CA PHE C 18 -17.11 -12.91 -11.41
C PHE C 18 -16.25 -11.71 -11.80
N ASP C 19 -16.30 -10.67 -10.97
CA ASP C 19 -15.41 -9.54 -11.13
C ASP C 19 -13.97 -10.05 -11.07
N PHE C 20 -13.62 -10.78 -10.01
CA PHE C 20 -12.29 -11.32 -9.90
C PHE C 20 -11.95 -12.10 -11.18
N TRP C 21 -12.87 -12.94 -11.63
CA TRP C 21 -12.57 -13.84 -12.74
C TRP C 21 -12.43 -13.22 -14.12
N ASP C 22 -12.67 -11.93 -14.26
CA ASP C 22 -12.43 -11.29 -15.55
C ASP C 22 -11.37 -10.21 -15.44
N GLY C 23 -10.77 -10.14 -14.24
CA GLY C 23 -9.79 -9.11 -13.90
C GLY C 23 -10.31 -8.15 -12.83
N ARG C 24 -9.98 -8.40 -11.57
CA ARG C 24 -10.47 -7.53 -10.50
C ARG C 24 -10.37 -6.06 -10.87
N ASP C 25 -11.52 -5.39 -10.90
CA ASP C 25 -11.59 -3.98 -11.24
C ASP C 25 -12.97 -3.39 -10.96
N GLY C 26 -13.77 -4.10 -10.16
CA GLY C 26 -15.11 -3.60 -9.81
C GLY C 26 -16.18 -3.70 -10.89
N ALA C 27 -15.90 -4.48 -11.93
CA ALA C 27 -16.86 -4.64 -13.02
C ALA C 27 -16.92 -6.06 -13.60
N VAL C 28 -18.10 -6.51 -13.96
CA VAL C 28 -18.29 -7.80 -14.61
C VAL C 28 -18.60 -7.61 -16.09
N ASP C 29 -18.06 -8.49 -16.95
CA ASP C 29 -18.35 -8.38 -18.38
C ASP C 29 -19.84 -8.61 -18.64
N ALA C 30 -20.43 -7.81 -19.53
CA ALA C 30 -21.84 -7.94 -19.87
C ALA C 30 -22.18 -9.33 -20.43
N PHE C 31 -21.17 -10.02 -20.94
CA PHE C 31 -21.32 -11.37 -21.47
C PHE C 31 -21.57 -12.43 -20.39
N LYS C 32 -21.16 -12.13 -19.15
CA LYS C 32 -21.26 -13.09 -18.03
C LYS C 32 -22.48 -12.79 -17.17
N ILE C 33 -23.25 -11.81 -17.60
CA ILE C 33 -24.53 -11.46 -16.97
C ILE C 33 -25.39 -12.69 -16.70
N GLY C 34 -25.63 -13.50 -17.73
CA GLY C 34 -26.44 -14.69 -17.54
C GLY C 34 -25.90 -15.65 -16.47
N ASP C 35 -24.59 -15.85 -16.45
CA ASP C 35 -24.00 -16.78 -15.50
C ASP C 35 -24.05 -16.32 -14.05
N VAL C 36 -23.82 -15.03 -13.82
CA VAL C 36 -23.99 -14.51 -12.47
C VAL C 36 -25.36 -14.90 -11.99
N CYS C 37 -26.38 -14.57 -12.78
CA CYS C 37 -27.76 -14.82 -12.38
C CYS C 37 -28.06 -16.30 -12.20
N ARG C 38 -27.58 -17.12 -13.12
CA ARG C 38 -27.67 -18.56 -12.91
C ARG C 38 -27.10 -18.97 -11.55
N CYS C 39 -25.96 -18.41 -11.16
CA CYS C 39 -25.37 -18.79 -9.87
C CYS C 39 -26.30 -18.43 -8.73
N LEU C 40 -27.09 -17.39 -8.93
CA LEU C 40 -28.02 -16.92 -7.92
C LEU C 40 -29.32 -17.73 -7.87
N GLY C 41 -29.48 -18.64 -8.82
CA GLY C 41 -30.56 -19.62 -8.74
C GLY C 41 -31.72 -19.36 -9.67
N ILE C 42 -31.52 -18.49 -10.65
CA ILE C 42 -32.59 -18.28 -11.59
C ILE C 42 -32.16 -18.84 -12.95
N ASN C 43 -33.14 -19.16 -13.80
CA ASN C 43 -32.85 -19.83 -15.05
C ASN C 43 -33.30 -19.04 -16.27
N PRO C 44 -32.60 -17.93 -16.56
CA PRO C 44 -32.98 -17.12 -17.71
C PRO C 44 -32.58 -17.76 -19.04
N ARG C 45 -33.47 -17.65 -20.03
CA ARG C 45 -33.12 -17.94 -21.39
C ARG C 45 -32.13 -16.89 -21.90
N ASN C 46 -31.35 -17.27 -22.90
CA ASN C 46 -30.40 -16.34 -23.49
C ASN C 46 -31.10 -15.07 -23.98
N GLU C 47 -32.31 -15.22 -24.50
CA GLU C 47 -33.06 -14.09 -25.00
C GLU C 47 -33.45 -13.16 -23.87
N ASP C 48 -33.65 -13.71 -22.69
CA ASP C 48 -33.91 -12.86 -21.54
C ASP C 48 -32.67 -12.01 -21.24
N VAL C 49 -31.53 -12.65 -20.99
CA VAL C 49 -30.32 -11.89 -20.63
C VAL C 49 -29.92 -10.87 -21.70
N PHE C 50 -30.29 -11.11 -22.95
CA PHE C 50 -30.06 -10.11 -23.98
C PHE C 50 -30.96 -8.90 -23.76
N ALA C 51 -32.18 -9.16 -23.29
CA ALA C 51 -33.15 -8.09 -23.15
C ALA C 51 -32.78 -7.17 -22.00
N VAL C 52 -32.01 -7.68 -21.06
CA VAL C 52 -31.59 -6.86 -19.94
C VAL C 52 -30.23 -6.19 -20.15
N GLY C 53 -29.59 -6.42 -21.30
CA GLY C 53 -28.30 -5.82 -21.60
C GLY C 53 -27.12 -6.77 -21.89
N GLY C 54 -27.36 -8.09 -21.80
CA GLY C 54 -26.34 -9.08 -22.13
C GLY C 54 -25.83 -8.92 -23.54
N THR C 55 -24.51 -9.13 -23.72
CA THR C 55 -23.85 -9.00 -25.02
C THR C 55 -23.56 -10.38 -25.59
N HIS C 56 -23.13 -10.44 -26.86
CA HIS C 56 -22.90 -11.73 -27.54
C HIS C 56 -21.49 -12.29 -27.36
N LYS C 57 -20.57 -11.50 -26.80
CA LYS C 57 -19.15 -11.84 -26.78
C LYS C 57 -18.46 -11.08 -25.66
N MET C 58 -17.36 -11.64 -25.15
CA MET C 58 -16.54 -10.94 -24.14
C MET C 58 -15.90 -9.68 -24.69
N GLY C 59 -15.90 -8.62 -23.90
CA GLY C 59 -15.09 -7.45 -24.19
C GLY C 59 -15.81 -6.27 -24.79
N GLU C 60 -17.11 -6.35 -24.95
CA GLU C 60 -17.84 -5.25 -25.54
C GLU C 60 -18.26 -4.23 -24.48
N LYS C 61 -18.84 -4.71 -23.39
CA LYS C 61 -19.26 -3.83 -22.32
C LYS C 61 -18.98 -4.48 -20.97
N SER C 62 -18.86 -3.66 -19.95
CA SER C 62 -18.56 -4.14 -18.60
C SER C 62 -19.44 -3.38 -17.60
N LEU C 63 -19.93 -4.08 -16.58
CA LEU C 63 -20.84 -3.48 -15.62
C LEU C 63 -20.29 -3.39 -14.19
N PRO C 64 -20.36 -2.19 -13.58
CA PRO C 64 -20.09 -2.05 -12.15
C PRO C 64 -21.33 -2.55 -11.44
N PHE C 65 -21.26 -2.76 -10.14
CA PHE C 65 -22.38 -3.37 -9.44
C PHE C 65 -23.68 -2.59 -9.60
N GLU C 66 -23.63 -1.27 -9.60
CA GLU C 66 -24.86 -0.48 -9.63
C GLU C 66 -25.66 -0.61 -10.95
N GLU C 67 -24.96 -0.76 -12.07
CA GLU C 67 -25.60 -1.01 -13.37
C GLU C 67 -26.05 -2.47 -13.50
N PHE C 68 -25.55 -3.30 -12.60
CA PHE C 68 -25.75 -4.74 -12.68
C PHE C 68 -26.96 -5.19 -11.90
N LEU C 69 -27.12 -4.61 -10.72
CA LEU C 69 -28.29 -4.83 -9.90
C LEU C 69 -29.63 -4.80 -10.67
N PRO C 70 -29.84 -3.76 -11.51
CA PRO C 70 -31.11 -3.66 -12.24
C PRO C 70 -31.24 -4.71 -13.36
N ALA C 71 -30.11 -5.14 -13.91
CA ALA C 71 -30.14 -6.25 -14.87
C ALA C 71 -30.67 -7.47 -14.14
N TYR C 72 -30.08 -7.78 -12.99
CA TYR C 72 -30.53 -8.88 -12.18
C TYR C 72 -32.02 -8.79 -11.86
N GLU C 73 -32.48 -7.63 -11.42
CA GLU C 73 -33.89 -7.45 -11.05
C GLU C 73 -34.81 -7.69 -12.25
N GLY C 74 -34.33 -7.33 -13.44
CA GLY C 74 -35.11 -7.51 -14.66
C GLY C 74 -35.23 -8.95 -15.13
N LEU C 75 -34.26 -9.80 -14.78
CA LEU C 75 -34.28 -11.21 -15.19
C LEU C 75 -35.00 -12.03 -14.13
N MET C 76 -35.00 -11.52 -12.92
CA MET C 76 -35.49 -12.25 -11.78
C MET C 76 -36.93 -12.73 -11.95
N ASP C 77 -37.67 -12.07 -12.83
CA ASP C 77 -39.07 -12.43 -13.07
C ASP C 77 -39.25 -13.13 -14.42
N CYS C 78 -38.16 -13.55 -15.05
CA CYS C 78 -38.23 -14.24 -16.34
C CYS C 78 -39.13 -15.47 -16.22
N GLU C 79 -39.79 -15.85 -17.32
CA GLU C 79 -40.59 -17.07 -17.26
C GLU C 79 -39.68 -18.31 -17.09
N GLN C 80 -40.07 -19.17 -16.15
CA GLN C 80 -39.39 -20.43 -15.90
C GLN C 80 -40.26 -21.67 -16.11
N GLY C 81 -39.75 -22.62 -16.89
CA GLY C 81 -40.47 -23.84 -17.20
C GLY C 81 -40.89 -24.64 -15.99
N THR C 82 -42.10 -25.18 -16.03
CA THR C 82 -42.52 -26.14 -15.01
C THR C 82 -42.36 -27.56 -15.52
N TYR C 83 -42.46 -28.52 -14.60
CA TYR C 83 -42.35 -29.92 -14.94
C TYR C 83 -43.43 -30.29 -15.96
N ALA C 84 -44.65 -29.84 -15.72
CA ALA C 84 -45.74 -30.13 -16.65
C ALA C 84 -45.42 -29.66 -18.06
N ASP C 85 -44.87 -28.46 -18.19
CA ASP C 85 -44.46 -27.92 -19.48
C ASP C 85 -43.43 -28.84 -20.14
N TYR C 86 -42.48 -29.30 -19.34
CA TYR C 86 -41.40 -30.14 -19.85
C TYR C 86 -41.91 -31.49 -20.36
N MET C 87 -42.83 -32.10 -19.62
CA MET C 87 -43.42 -33.37 -20.02
C MET C 87 -44.25 -33.25 -21.30
N GLU C 88 -45.12 -32.27 -21.35
CA GLU C 88 -45.82 -31.93 -22.59
C GLU C 88 -44.85 -31.76 -23.77
N ALA C 89 -43.73 -31.08 -23.55
CA ALA C 89 -42.80 -30.84 -24.64
C ALA C 89 -42.18 -32.13 -25.11
N PHE C 90 -41.75 -32.96 -24.16
CA PHE C 90 -41.08 -34.21 -24.51
C PHE C 90 -42.05 -35.24 -25.07
N LYS C 91 -43.29 -35.16 -24.64
CA LYS C 91 -44.32 -36.06 -25.13
C LYS C 91 -44.52 -35.91 -26.63
N THR C 92 -44.21 -34.74 -27.18
CA THR C 92 -44.39 -34.55 -28.60
C THR C 92 -43.35 -35.34 -29.39
N PHE C 93 -42.35 -35.88 -28.69
CA PHE C 93 -41.32 -36.67 -29.34
C PHE C 93 -41.44 -38.16 -28.96
N ASP C 94 -42.32 -38.48 -28.02
CA ASP C 94 -42.51 -39.85 -27.53
C ASP C 94 -43.41 -40.55 -28.53
N ARG C 95 -42.88 -41.58 -29.19
CA ARG C 95 -43.58 -42.16 -30.34
C ARG C 95 -44.74 -43.07 -29.94
N GLU C 96 -44.66 -43.67 -28.75
CA GLU C 96 -45.75 -44.51 -28.30
C GLU C 96 -46.31 -44.11 -26.94
N GLY C 97 -45.83 -42.98 -26.41
CA GLY C 97 -46.33 -42.47 -25.15
C GLY C 97 -46.04 -43.32 -23.93
N GLN C 98 -45.09 -44.23 -24.03
CA GLN C 98 -44.72 -45.04 -22.85
C GLN C 98 -43.79 -44.30 -21.89
N GLY C 99 -43.16 -43.22 -22.34
CA GLY C 99 -42.25 -42.47 -21.49
C GLY C 99 -40.79 -42.49 -21.91
N PHE C 100 -40.51 -43.16 -23.02
CA PHE C 100 -39.16 -43.27 -23.55
C PHE C 100 -38.98 -42.36 -24.74
N ILE C 101 -37.75 -41.99 -24.97
CA ILE C 101 -37.37 -41.21 -26.12
C ILE C 101 -36.01 -41.79 -26.41
N SER C 102 -35.60 -41.80 -27.66
CA SER C 102 -34.30 -42.36 -27.98
C SER C 102 -33.27 -41.30 -27.62
N GLY C 103 -32.05 -41.75 -27.38
CA GLY C 103 -30.97 -40.88 -26.99
C GLY C 103 -30.63 -39.92 -28.11
N ALA C 104 -30.74 -40.38 -29.35
CA ALA C 104 -30.39 -39.53 -30.48
C ALA C 104 -31.43 -38.43 -30.59
N GLU C 105 -32.68 -38.76 -30.30
CA GLU C 105 -33.72 -37.74 -30.33
C GLU C 105 -33.47 -36.72 -29.21
N LEU C 106 -33.23 -37.22 -28.00
CA LEU C 106 -32.86 -36.38 -26.89
C LEU C 106 -31.78 -35.39 -27.29
N ARG C 107 -30.84 -35.84 -28.10
CA ARG C 107 -29.76 -34.96 -28.54
C ARG C 107 -30.23 -34.01 -29.62
N HIS C 108 -31.05 -34.50 -30.54
CA HIS C 108 -31.69 -33.61 -31.47
C HIS C 108 -32.47 -32.47 -30.75
N VAL C 109 -33.33 -32.75 -29.78
CA VAL C 109 -34.05 -31.64 -29.18
C VAL C 109 -33.14 -30.67 -28.38
N LEU C 110 -32.06 -31.18 -27.81
CA LEU C 110 -31.22 -30.38 -26.95
C LEU C 110 -30.20 -29.53 -27.71
N SER C 111 -29.77 -30.01 -28.86
CA SER C 111 -28.75 -29.28 -29.58
C SER C 111 -29.24 -28.90 -30.96
N GLY C 112 -30.42 -29.36 -31.33
CA GLY C 112 -31.01 -29.00 -32.60
C GLY C 112 -32.24 -28.08 -32.56
N LEU C 113 -32.80 -27.85 -31.37
CA LEU C 113 -33.96 -26.97 -31.21
C LEU C 113 -33.76 -25.90 -30.12
N GLY C 114 -34.73 -24.99 -30.00
CA GLY C 114 -34.68 -23.94 -29.00
C GLY C 114 -33.38 -23.14 -29.05
N GLU C 115 -32.82 -22.84 -27.90
CA GLU C 115 -31.52 -22.21 -27.80
C GLU C 115 -30.61 -23.44 -27.74
N ARG C 116 -30.08 -23.81 -28.90
CA ARG C 116 -29.22 -24.97 -29.01
C ARG C 116 -28.02 -25.05 -28.07
N LEU C 117 -27.92 -26.16 -27.37
CA LEU C 117 -26.78 -26.37 -26.50
C LEU C 117 -25.68 -27.13 -27.24
N SER C 118 -24.44 -26.81 -26.92
CA SER C 118 -23.29 -27.44 -27.56
C SER C 118 -23.23 -28.94 -27.27
N ASP C 119 -22.51 -29.68 -28.09
CA ASP C 119 -22.31 -31.10 -27.84
C ASP C 119 -21.67 -31.29 -26.49
N GLU C 120 -20.76 -30.38 -26.15
CA GLU C 120 -20.04 -30.50 -24.88
C GLU C 120 -21.00 -30.35 -23.71
N GLU C 121 -21.85 -29.32 -23.76
CA GLU C 121 -22.86 -29.06 -22.74
C GLU C 121 -23.83 -30.23 -22.60
N VAL C 122 -24.25 -30.79 -23.73
CA VAL C 122 -25.17 -31.92 -23.70
C VAL C 122 -24.52 -33.11 -23.02
N ASP C 123 -23.33 -33.50 -23.48
CA ASP C 123 -22.63 -34.64 -22.88
C ASP C 123 -22.45 -34.44 -21.38
N GLU C 124 -22.28 -33.20 -20.97
CA GLU C 124 -22.00 -32.97 -19.56
C GLU C 124 -23.25 -33.14 -18.69
N ILE C 125 -24.41 -32.73 -19.19
CA ILE C 125 -25.58 -32.77 -18.33
C ILE C 125 -26.01 -34.22 -18.24
N ILE C 126 -25.78 -34.97 -19.31
CA ILE C 126 -26.12 -36.37 -19.34
C ILE C 126 -25.18 -37.14 -18.43
N ASN C 127 -23.91 -36.71 -18.39
CA ASN C 127 -22.96 -37.23 -17.43
C ASN C 127 -23.32 -36.92 -15.98
N LEU C 128 -23.52 -35.64 -15.68
CA LEU C 128 -23.80 -35.19 -14.31
C LEU C 128 -25.09 -35.80 -13.79
N THR C 129 -26.10 -35.89 -14.66
CA THR C 129 -27.36 -36.48 -14.21
C THR C 129 -27.34 -38.01 -14.20
N ASP C 130 -26.22 -38.61 -14.62
CA ASP C 130 -26.14 -40.06 -14.72
C ASP C 130 -27.37 -40.62 -15.46
N LEU C 131 -27.59 -40.14 -16.67
CA LEU C 131 -28.68 -40.64 -17.47
C LEU C 131 -28.19 -41.73 -18.41
N GLN C 132 -28.61 -42.97 -18.20
CA GLN C 132 -28.20 -44.02 -19.13
C GLN C 132 -29.30 -44.45 -20.08
N GLU C 133 -28.89 -44.84 -21.28
CA GLU C 133 -29.85 -45.43 -22.18
C GLU C 133 -29.84 -46.93 -22.00
N ASP C 134 -30.86 -47.59 -22.52
CA ASP C 134 -30.99 -49.02 -22.35
C ASP C 134 -30.46 -49.65 -23.62
N LEU C 135 -30.55 -50.97 -23.72
CA LEU C 135 -29.91 -51.68 -24.82
C LEU C 135 -30.37 -51.24 -26.19
N GLU C 136 -31.58 -50.69 -26.31
CA GLU C 136 -32.01 -50.20 -27.62
C GLU C 136 -31.81 -48.69 -27.83
N GLY C 137 -31.01 -48.07 -26.96
CA GLY C 137 -30.78 -46.64 -27.03
C GLY C 137 -31.91 -45.71 -26.57
N ASN C 138 -32.79 -46.18 -25.68
CA ASN C 138 -33.87 -45.34 -25.17
C ASN C 138 -33.60 -44.88 -23.75
N VAL C 139 -34.13 -43.71 -23.40
CA VAL C 139 -33.96 -43.14 -22.07
C VAL C 139 -35.31 -42.65 -21.63
N LYS C 140 -35.53 -42.60 -20.32
CA LYS C 140 -36.79 -42.09 -19.78
C LYS C 140 -36.69 -40.61 -19.52
N TYR C 141 -37.36 -39.82 -20.33
CA TYR C 141 -37.21 -38.38 -20.23
C TYR C 141 -37.70 -37.81 -18.90
N GLU C 142 -38.54 -38.55 -18.20
CA GLU C 142 -39.06 -38.04 -16.94
C GLU C 142 -38.00 -37.99 -15.82
N GLU C 143 -37.11 -38.98 -15.80
CA GLU C 143 -36.00 -39.02 -14.86
C GLU C 143 -35.05 -37.86 -15.08
N PHE C 144 -34.67 -37.68 -16.33
CA PHE C 144 -33.78 -36.64 -16.76
C PHE C 144 -34.36 -35.28 -16.39
N VAL C 145 -35.62 -35.07 -16.72
CA VAL C 145 -36.28 -33.81 -16.39
C VAL C 145 -36.23 -33.51 -14.89
N LYS C 146 -36.55 -34.51 -14.06
CA LYS C 146 -36.48 -34.36 -12.60
C LYS C 146 -35.05 -34.09 -12.10
N LYS C 147 -34.09 -34.82 -12.62
CA LYS C 147 -32.71 -34.62 -12.21
C LYS C 147 -32.21 -33.21 -12.54
N VAL C 148 -32.52 -32.73 -13.74
CA VAL C 148 -32.13 -31.40 -14.16
C VAL C 148 -32.84 -30.37 -13.29
N MET C 149 -34.15 -30.51 -13.15
CA MET C 149 -34.89 -29.58 -12.30
C MET C 149 -34.41 -29.53 -10.84
N THR C 150 -34.08 -30.66 -10.23
CA THR C 150 -33.77 -30.58 -8.81
C THR C 150 -32.35 -30.05 -8.54
N GLY C 151 -31.50 -30.07 -9.56
CA GLY C 151 -30.21 -29.41 -9.47
C GLY C 151 -29.05 -30.27 -9.02
N PRO C 152 -27.83 -29.73 -9.10
CA PRO C 152 -26.60 -30.46 -8.75
C PRO C 152 -26.52 -30.86 -7.27
N TYR C 153 -27.26 -30.17 -6.40
CA TYR C 153 -27.48 -30.63 -5.02
C TYR C 153 -28.89 -30.26 -4.54
N ASN D 1 -11.66 -20.91 28.31
CA ASN D 1 -11.07 -20.55 29.60
C ASN D 1 -11.58 -19.20 30.13
N LEU D 2 -12.09 -19.18 31.36
CA LEU D 2 -12.64 -17.96 31.95
C LEU D 2 -11.59 -16.90 32.25
N GLU D 3 -10.39 -17.36 32.61
CA GLU D 3 -9.28 -16.47 32.92
C GLU D 3 -8.76 -15.78 31.65
N GLU D 4 -8.43 -16.60 30.63
CA GLU D 4 -8.00 -16.10 29.33
C GLU D 4 -8.91 -15.00 28.80
N MET D 5 -10.23 -15.23 28.94
CA MET D 5 -11.25 -14.28 28.50
C MET D 5 -11.18 -12.95 29.24
N ARG D 6 -10.99 -13.02 30.56
CA ARG D 6 -10.78 -11.81 31.37
C ARG D 6 -9.55 -11.09 30.86
N ASP D 7 -8.48 -11.85 30.68
CA ASP D 7 -7.22 -11.33 30.16
C ASP D 7 -7.38 -10.72 28.78
N GLU D 8 -8.08 -11.41 27.89
CA GLU D 8 -8.27 -10.89 26.53
C GLU D 8 -9.06 -9.58 26.47
N ARG D 9 -10.18 -9.51 27.17
CA ARG D 9 -11.01 -8.31 27.12
C ARG D 9 -10.28 -7.17 27.77
N LEU D 10 -9.53 -7.50 28.81
CA LEU D 10 -8.77 -6.49 29.50
C LEU D 10 -7.64 -5.97 28.59
N SER D 11 -7.15 -6.83 27.71
CA SER D 11 -6.06 -6.45 26.82
C SER D 11 -6.57 -5.47 25.78
N LYS D 12 -7.75 -5.77 25.26
CA LYS D 12 -8.39 -4.92 24.27
C LYS D 12 -8.65 -3.54 24.82
N ILE D 13 -9.18 -3.48 26.04
CA ILE D 13 -9.54 -2.22 26.63
C ILE D 13 -8.30 -1.37 26.86
N ILE D 14 -7.24 -2.04 27.29
CA ILE D 14 -5.97 -1.36 27.57
C ILE D 14 -5.37 -0.79 26.29
N SER D 15 -5.41 -1.60 25.23
CA SER D 15 -4.95 -1.15 23.93
C SER D 15 -5.70 0.10 23.53
N MET D 16 -7.03 0.06 23.63
CA MET D 16 -7.84 1.22 23.30
C MET D 16 -7.40 2.44 24.11
N PHE D 17 -7.15 2.24 25.40
CA PHE D 17 -6.63 3.32 26.20
C PHE D 17 -5.28 3.79 25.67
N GLN D 18 -4.44 2.85 25.23
CA GLN D 18 -3.14 3.19 24.67
C GLN D 18 -3.29 3.94 23.36
N ALA D 19 -4.28 3.50 22.56
CA ALA D 19 -4.67 4.23 21.37
C ALA D 19 -4.97 5.70 21.70
N HIS D 20 -5.72 5.92 22.77
CA HIS D 20 -6.03 7.28 23.21
C HIS D 20 -4.78 8.07 23.54
N ILE D 21 -3.84 7.41 24.21
CA ILE D 21 -2.57 8.05 24.56
C ILE D 21 -1.81 8.45 23.29
N ARG D 22 -1.61 7.51 22.39
CA ARG D 22 -0.93 7.81 21.13
C ARG D 22 -1.57 9.00 20.42
N GLY D 23 -2.89 9.05 20.40
CA GLY D 23 -3.58 10.16 19.77
C GLY D 23 -3.29 11.46 20.48
N TYR D 24 -3.21 11.38 21.80
CA TYR D 24 -2.90 12.55 22.61
C TYR D 24 -1.53 13.11 22.24
N LEU D 25 -0.56 12.22 22.03
CA LEU D 25 0.84 12.61 21.85
C LEU D 25 1.09 13.17 20.46
N ILE D 26 0.59 12.47 19.44
CA ILE D 26 0.68 12.94 18.07
C ILE D 26 0.10 14.33 17.99
N ARG D 27 -1.08 14.51 18.57
CA ARG D 27 -1.80 15.77 18.44
C ARG D 27 -1.09 16.91 19.16
N LYS D 28 -0.59 16.63 20.36
CA LYS D 28 0.24 17.55 21.11
C LYS D 28 1.41 18.09 20.27
N ALA D 29 2.01 17.21 19.48
CA ALA D 29 3.24 17.48 18.73
C ALA D 29 3.05 18.06 17.32
N TYR D 30 1.79 18.16 16.88
CA TYR D 30 1.48 18.65 15.54
C TYR D 30 2.07 20.03 15.25
N LYS D 31 1.89 20.96 16.19
CA LYS D 31 2.35 22.34 16.00
C LYS D 31 3.87 22.37 15.82
N LYS D 32 4.58 21.67 16.68
CA LYS D 32 6.02 21.51 16.52
C LYS D 32 6.41 20.96 15.16
N LEU D 33 5.61 20.02 14.64
CA LEU D 33 5.88 19.42 13.34
C LEU D 33 5.75 20.46 12.24
N GLN D 34 4.69 21.26 12.34
CA GLN D 34 4.49 22.32 11.38
C GLN D 34 5.68 23.26 11.36
N ASP D 35 6.13 23.64 12.56
CA ASP D 35 7.22 24.60 12.70
C ASP D 35 8.53 24.01 12.23
N GLN D 36 8.71 22.72 12.50
CA GLN D 36 9.91 22.05 12.07
C GLN D 36 9.93 21.89 10.56
N ARG D 37 8.76 21.77 9.94
CA ARG D 37 8.76 21.69 8.49
C ARG D 37 9.29 23.00 7.91
N ILE D 38 8.91 24.13 8.50
CA ILE D 38 9.43 25.42 8.06
C ILE D 38 10.93 25.51 8.33
N GLY D 39 11.33 25.16 9.56
CA GLY D 39 12.74 25.07 9.90
C GLY D 39 13.60 24.33 8.88
N LEU D 40 13.30 23.07 8.64
CA LEU D 40 14.08 22.28 7.71
C LEU D 40 14.01 22.91 6.32
N SER D 41 12.90 23.57 6.02
CA SER D 41 12.77 24.23 4.73
C SER D 41 13.77 25.36 4.58
N VAL D 42 14.00 26.08 5.68
CA VAL D 42 14.90 27.23 5.68
C VAL D 42 16.33 26.76 5.55
N ILE D 43 16.62 25.65 6.21
CA ILE D 43 17.97 25.15 6.23
C ILE D 43 18.36 24.60 4.87
N GLN D 44 17.48 23.80 4.26
CA GLN D 44 17.80 23.17 2.99
C GLN D 44 17.86 24.22 1.89
N ARG D 45 16.98 25.23 1.98
CA ARG D 45 16.93 26.30 0.99
C ARG D 45 18.19 27.17 1.04
N ASN D 46 18.61 27.49 2.26
CA ASN D 46 19.80 28.29 2.45
C ASN D 46 21.14 27.58 2.25
N ILE D 47 21.20 26.28 2.56
CA ILE D 47 22.43 25.51 2.30
C ILE D 47 22.62 25.40 0.80
N ARG D 48 21.51 25.18 0.09
CA ARG D 48 21.55 25.11 -1.36
C ARG D 48 21.96 26.44 -1.99
N LYS D 49 21.47 27.55 -1.45
CA LYS D 49 21.78 28.86 -2.00
C LYS D 49 23.30 29.05 -1.99
N TRP D 50 23.87 28.99 -0.79
CA TRP D 50 25.31 29.04 -0.57
C TRP D 50 26.18 28.17 -1.53
N LEU D 51 25.77 26.94 -1.79
CA LEU D 51 26.49 26.05 -2.70
C LEU D 51 26.43 26.49 -4.17
N VAL D 52 25.33 27.14 -4.55
CA VAL D 52 25.13 27.61 -5.92
C VAL D 52 25.88 28.94 -6.19
N LEU D 53 25.63 29.93 -5.33
CA LEU D 53 26.29 31.22 -5.45
C LEU D 53 27.78 31.02 -5.61
N ARG D 54 28.37 30.18 -4.76
CA ARG D 54 29.81 29.98 -4.79
C ARG D 54 30.29 29.53 -6.16
N ASN D 55 29.39 28.90 -6.93
CA ASN D 55 29.72 28.45 -8.28
C ASN D 55 29.14 29.36 -9.37
N TRP D 56 28.62 30.51 -8.97
CA TRP D 56 28.02 31.49 -9.88
C TRP D 56 29.01 32.57 -10.34
N GLN D 57 29.20 32.70 -11.65
CA GLN D 57 30.19 33.63 -12.21
C GLN D 57 30.08 35.06 -11.68
N TRP D 58 28.90 35.62 -11.77
CA TRP D 58 28.66 36.96 -11.26
C TRP D 58 29.13 37.13 -9.82
N TRP D 59 28.91 36.10 -9.00
CA TRP D 59 29.20 36.16 -7.58
C TRP D 59 30.70 36.12 -7.37
N LYS D 60 31.37 35.34 -8.19
CA LYS D 60 32.81 35.24 -8.15
C LYS D 60 33.42 36.57 -8.59
N LEU D 61 32.89 37.13 -9.67
CA LEU D 61 33.33 38.42 -10.18
C LEU D 61 33.19 39.47 -9.12
N TYR D 62 32.00 39.53 -8.53
CA TYR D 62 31.72 40.50 -7.49
C TYR D 62 32.72 40.45 -6.32
N ALA D 63 33.07 39.25 -5.86
CA ALA D 63 33.95 39.16 -4.70
C ALA D 63 35.42 39.43 -5.02
N LYS D 64 35.80 39.25 -6.28
CA LYS D 64 37.12 39.66 -6.76
C LYS D 64 37.15 41.18 -6.83
N VAL D 65 35.97 41.77 -7.07
CA VAL D 65 35.82 43.22 -7.18
C VAL D 65 35.64 43.96 -5.84
N LYS D 66 35.07 43.33 -4.83
CA LYS D 66 34.81 44.02 -3.57
C LYS D 66 36.06 44.65 -2.95
N PRO D 67 37.17 43.90 -2.96
CA PRO D 67 38.41 44.40 -2.34
C PRO D 67 38.96 45.67 -2.98
N LEU D 68 38.51 46.01 -4.19
CA LEU D 68 39.04 47.18 -4.89
C LEU D 68 38.13 48.39 -4.83
N LEU D 69 37.05 48.31 -4.04
CA LEU D 69 36.10 49.42 -3.92
C LEU D 69 36.47 50.45 -2.85
N SEP E 11 7.02 45.96 -3.87
CA SEP E 11 8.40 45.92 -3.45
CB SEP E 11 8.72 44.58 -2.78
OG SEP E 11 9.28 43.66 -3.71
C SEP E 11 9.35 46.14 -4.64
O SEP E 11 9.60 45.23 -5.42
P SEP E 11 9.35 42.21 -3.05
O1P SEP E 11 8.31 41.23 -3.78
O2P SEP E 11 10.83 41.60 -3.19
O3P SEP E 11 8.97 42.31 -1.49
N ASN E 12 9.85 47.36 -4.76
CA ASN E 12 10.76 47.70 -5.84
C ASN E 12 12.17 47.16 -5.59
N VAL E 13 12.85 46.77 -6.67
CA VAL E 13 14.20 46.23 -6.55
C VAL E 13 15.06 47.12 -5.67
N PHE E 14 14.79 48.42 -5.72
CA PHE E 14 15.55 49.39 -4.94
C PHE E 14 15.41 49.40 -3.42
N ALA E 15 14.20 49.70 -2.95
CA ALA E 15 13.93 49.82 -1.52
C ALA E 15 13.95 48.41 -0.90
N ARG E 16 14.16 47.40 -1.74
CA ARG E 16 14.20 46.02 -1.25
C ARG E 16 15.59 45.65 -0.76
N LEU E 17 16.51 46.61 -0.81
CA LEU E 17 17.88 46.38 -0.36
C LEU E 17 18.34 47.47 0.60
N PRO E 18 19.17 47.09 1.58
CA PRO E 18 19.75 48.10 2.48
C PRO E 18 20.48 49.16 1.67
N GLN E 19 20.35 50.43 2.06
CA GLN E 19 20.94 51.55 1.34
C GLN E 19 22.45 51.40 1.14
N LYS E 20 23.17 51.07 2.22
CA LYS E 20 24.61 50.87 2.13
C LYS E 20 24.99 49.75 1.15
N LEU E 21 24.36 48.57 1.30
CA LEU E 21 24.55 47.48 0.33
C LEU E 21 24.32 47.94 -1.11
N MET E 22 23.37 48.84 -1.33
CA MET E 22 23.12 49.36 -2.67
C MET E 22 24.23 50.30 -3.11
N GLN E 23 24.75 51.06 -2.14
CA GLN E 23 25.89 51.94 -2.39
C GLN E 23 27.08 51.12 -2.89
N GLU E 24 27.32 50.00 -2.23
CA GLU E 24 28.45 49.16 -2.58
C GLU E 24 28.30 48.51 -3.95
N MET E 25 27.11 47.97 -4.24
CA MET E 25 26.89 47.33 -5.52
C MET E 25 26.92 48.34 -6.63
N LYS E 26 26.58 49.58 -6.30
CA LYS E 26 26.64 50.65 -7.29
C LYS E 26 28.11 50.86 -7.63
N GLU E 27 28.95 50.99 -6.60
CA GLU E 27 30.40 51.04 -6.80
C GLU E 27 30.88 49.89 -7.68
N ALA E 28 30.47 48.68 -7.36
CA ALA E 28 30.91 47.48 -8.05
C ALA E 28 30.50 47.47 -9.51
N PHE E 29 29.28 47.92 -9.76
CA PHE E 29 28.75 48.00 -11.12
C PHE E 29 29.54 49.04 -11.89
N THR E 30 29.86 50.13 -11.21
CA THR E 30 30.60 51.22 -11.83
C THR E 30 31.96 50.73 -12.28
N MET E 31 32.69 50.16 -11.34
CA MET E 31 34.00 49.61 -11.64
C MET E 31 33.96 48.64 -12.80
N ILE E 32 32.95 47.78 -12.85
CA ILE E 32 32.89 46.78 -13.91
C ILE E 32 32.54 47.43 -15.25
N ASP E 33 31.80 48.53 -15.17
CA ASP E 33 31.39 49.32 -16.34
C ASP E 33 32.57 50.12 -16.86
N GLN E 34 33.46 49.45 -17.58
CA GLN E 34 34.76 50.02 -17.90
C GLN E 34 34.71 51.28 -18.79
N ASN E 35 33.83 51.28 -19.80
CA ASN E 35 33.71 52.44 -20.69
C ASN E 35 32.80 53.53 -20.13
N ARG E 36 32.47 53.40 -18.85
CA ARG E 36 31.76 54.44 -18.11
C ARG E 36 30.46 54.97 -18.75
N ASP E 37 29.93 54.27 -19.73
CA ASP E 37 28.70 54.71 -20.40
C ASP E 37 27.43 54.54 -19.52
N GLY E 38 27.39 53.45 -18.74
CA GLY E 38 26.29 53.21 -17.83
C GLY E 38 25.60 51.86 -18.01
N PHE E 39 26.24 50.97 -18.75
CA PHE E 39 25.70 49.63 -18.98
C PHE E 39 26.87 48.70 -19.18
N ILE E 40 26.99 47.66 -18.37
CA ILE E 40 28.12 46.75 -18.63
C ILE E 40 27.94 46.08 -19.99
N ASP E 41 28.96 46.26 -20.83
CA ASP E 41 29.06 45.68 -22.17
C ASP E 41 29.56 44.25 -22.05
N ILE E 42 29.62 43.56 -23.19
CA ILE E 42 30.38 42.32 -23.29
C ILE E 42 31.86 42.68 -23.24
N ASN E 43 32.17 43.93 -23.60
CA ASN E 43 33.55 44.38 -23.63
C ASN E 43 34.06 44.74 -22.24
N ASP E 44 33.31 45.62 -21.56
CA ASP E 44 33.65 46.05 -20.21
C ASP E 44 33.94 44.84 -19.34
N LEU E 45 33.20 43.75 -19.58
CA LEU E 45 33.37 42.52 -18.84
C LEU E 45 34.77 41.90 -19.07
N LYS E 46 35.05 41.60 -20.33
CA LYS E 46 36.35 41.03 -20.72
C LYS E 46 37.51 41.78 -20.08
N GLU E 47 37.40 43.11 -20.06
CA GLU E 47 38.47 43.97 -19.59
C GLU E 47 38.66 43.94 -18.07
N MET E 48 37.56 43.98 -17.34
CA MET E 48 37.58 43.86 -15.88
C MET E 48 38.19 42.54 -15.47
N PHE E 49 37.88 41.50 -16.25
CA PHE E 49 38.23 40.14 -15.86
C PHE E 49 39.71 39.82 -16.01
N SER E 50 40.37 40.41 -17.00
CA SER E 50 41.78 40.15 -17.22
C SER E 50 42.66 40.95 -16.26
N SER E 51 42.17 42.12 -15.85
CA SER E 51 42.88 42.92 -14.85
C SER E 51 43.02 42.12 -13.55
N LEU E 52 42.02 41.29 -13.27
CA LEU E 52 41.99 40.50 -12.05
C LEU E 52 42.58 39.10 -12.25
N GLY E 53 42.89 38.76 -13.50
CA GLY E 53 43.55 37.49 -13.80
C GLY E 53 42.84 36.57 -14.77
N ARG E 54 42.59 35.34 -14.34
CA ARG E 54 42.09 34.28 -15.22
C ARG E 54 40.78 34.68 -15.89
N THR E 55 40.88 35.17 -17.12
CA THR E 55 39.70 35.62 -17.86
C THR E 55 39.00 34.45 -18.58
N PRO E 56 37.66 34.38 -18.49
CA PRO E 56 36.88 33.28 -19.04
C PRO E 56 36.28 33.59 -20.41
N ASP E 57 36.14 32.56 -21.25
CA ASP E 57 35.73 32.74 -22.66
C ASP E 57 34.34 33.34 -22.87
N ASP E 58 34.03 33.61 -24.14
CA ASP E 58 32.78 34.29 -24.51
C ASP E 58 31.58 33.39 -24.29
N LYS E 59 31.85 32.08 -24.16
CA LYS E 59 30.81 31.09 -23.89
C LYS E 59 30.09 31.40 -22.59
N GLU E 60 30.80 32.08 -21.70
CA GLU E 60 30.28 32.33 -20.37
C GLU E 60 29.96 33.80 -20.20
N LEU E 61 30.71 34.66 -20.87
CA LEU E 61 30.50 36.10 -20.79
C LEU E 61 29.18 36.51 -21.43
N THR E 62 28.78 35.81 -22.49
CA THR E 62 27.51 36.10 -23.14
C THR E 62 26.37 35.43 -22.38
N ALA E 63 26.69 34.29 -21.77
CA ALA E 63 25.76 33.56 -20.92
C ALA E 63 25.41 34.39 -19.69
N MET E 64 26.43 34.95 -19.03
CA MET E 64 26.19 35.75 -17.82
C MET E 64 25.59 37.11 -18.16
N LEU E 65 25.81 37.57 -19.38
CA LEU E 65 25.08 38.74 -19.88
C LEU E 65 23.66 38.32 -20.24
N LYS E 66 23.51 37.08 -20.69
CA LYS E 66 22.20 36.51 -21.02
C LYS E 66 21.25 36.62 -19.83
N GLU E 67 21.73 36.24 -18.65
CA GLU E 67 20.98 36.36 -17.41
C GLU E 67 20.05 37.56 -17.44
N ALA E 68 18.77 37.32 -17.69
CA ALA E 68 17.79 38.39 -17.97
C ALA E 68 18.36 39.45 -18.92
N PRO E 69 17.60 39.80 -19.98
CA PRO E 69 18.19 40.60 -21.05
C PRO E 69 17.85 42.07 -20.92
N GLY E 70 18.17 42.84 -21.95
CA GLY E 70 17.84 44.25 -22.00
C GLY E 70 19.09 45.11 -22.10
N PRO E 71 19.42 45.80 -21.01
CA PRO E 71 20.56 46.72 -20.99
C PRO E 71 21.75 46.16 -20.24
N LEU E 72 21.46 45.57 -19.09
CA LEU E 72 22.45 45.43 -18.03
C LEU E 72 22.95 46.80 -17.60
N ASN E 73 22.00 47.69 -17.32
CA ASN E 73 22.30 48.92 -16.60
C ASN E 73 22.25 48.62 -15.10
N PHE E 74 22.40 49.63 -14.24
CA PHE E 74 22.49 49.35 -12.83
C PHE E 74 21.25 48.68 -12.25
N THR E 75 20.06 49.17 -12.58
CA THR E 75 18.84 48.57 -12.04
C THR E 75 18.63 47.15 -12.57
N MET E 76 19.19 46.89 -13.75
CA MET E 76 19.20 45.57 -14.34
C MET E 76 20.21 44.67 -13.64
N PHE E 77 21.23 45.29 -13.04
CA PHE E 77 22.29 44.58 -12.33
C PHE E 77 21.73 44.18 -10.97
N LEU E 78 21.09 45.14 -10.32
CA LEU E 78 20.40 44.92 -9.05
C LEU E 78 19.43 43.75 -9.11
N SER E 79 18.74 43.61 -10.23
CA SER E 79 17.64 42.66 -10.28
C SER E 79 18.11 41.22 -10.57
N ILE E 80 19.29 41.07 -11.17
CA ILE E 80 19.78 39.71 -11.41
C ILE E 80 20.42 39.11 -10.15
N PHE E 81 20.92 40.00 -9.28
CA PHE E 81 21.41 39.59 -7.97
C PHE E 81 20.22 39.29 -7.07
N SER E 82 19.24 40.19 -7.11
CA SER E 82 17.98 39.98 -6.39
C SER E 82 17.29 38.64 -6.77
N ASP E 83 17.21 38.33 -8.05
CA ASP E 83 16.55 37.09 -8.47
C ASP E 83 17.36 35.86 -8.05
N LYS E 84 18.67 35.97 -8.11
CA LYS E 84 19.50 34.85 -7.69
C LYS E 84 19.40 34.69 -6.18
N LEU E 85 19.18 35.79 -5.48
CA LEU E 85 19.19 35.81 -4.02
C LEU E 85 17.84 35.47 -3.36
N SER E 86 16.77 35.40 -4.15
CA SER E 86 15.46 35.11 -3.57
C SER E 86 15.52 33.81 -2.78
N GLY E 87 14.99 33.84 -1.56
CA GLY E 87 14.92 32.64 -0.74
C GLY E 87 15.91 32.69 0.40
N THR E 88 16.97 33.46 0.21
CA THR E 88 17.97 33.64 1.24
C THR E 88 17.36 34.29 2.49
N ASP E 89 17.78 33.84 3.66
CA ASP E 89 17.31 34.37 4.93
C ASP E 89 18.49 34.88 5.76
N SER E 90 18.20 35.71 6.76
CA SER E 90 19.24 36.27 7.62
C SER E 90 19.91 35.20 8.46
N GLU E 91 21.09 35.51 9.00
CA GLU E 91 21.81 34.62 9.91
C GLU E 91 20.93 34.26 11.10
N GLU E 92 20.25 35.27 11.65
CA GLU E 92 19.39 35.06 12.80
C GLU E 92 18.30 34.03 12.53
N THR E 93 17.73 34.07 11.33
CA THR E 93 16.63 33.17 11.03
C THR E 93 17.09 31.73 10.78
N ILE E 94 18.15 31.57 9.99
CA ILE E 94 18.73 30.25 9.79
C ILE E 94 19.10 29.59 11.13
N ARG E 95 19.71 30.37 12.01
CA ARG E 95 19.99 29.92 13.37
C ARG E 95 18.73 29.42 14.09
N ASN E 96 17.64 30.18 14.00
CA ASN E 96 16.41 29.74 14.66
C ASN E 96 15.86 28.44 14.08
N ALA E 97 15.88 28.33 12.75
CA ALA E 97 15.48 27.12 12.08
C ALA E 97 16.17 25.88 12.69
N PHE E 98 17.49 25.94 12.82
CA PHE E 98 18.22 24.86 13.49
C PHE E 98 17.72 24.69 14.91
N GLY E 99 17.50 25.80 15.60
CA GLY E 99 16.91 25.80 16.92
C GLY E 99 15.67 24.92 17.05
N MET E 100 14.85 24.82 15.99
CA MET E 100 13.69 23.94 16.04
C MET E 100 14.06 22.48 16.40
N PHE E 101 15.28 22.07 16.08
CA PHE E 101 15.71 20.69 16.30
C PHE E 101 16.66 20.55 17.48
N ASP E 102 16.73 21.59 18.31
CA ASP E 102 17.68 21.65 19.41
C ASP E 102 16.93 22.17 20.63
N GLU E 103 16.26 21.26 21.34
CA GLU E 103 15.31 21.66 22.37
C GLU E 103 16.00 22.28 23.59
N LEU E 104 17.07 21.65 24.04
CA LEU E 104 17.80 22.08 25.23
C LEU E 104 18.73 23.24 24.96
N ASP E 105 18.69 23.75 23.74
CA ASP E 105 19.45 24.92 23.35
C ASP E 105 20.96 24.77 23.58
N THR E 106 21.49 23.62 23.17
CA THR E 106 22.92 23.37 23.20
C THR E 106 23.66 24.15 22.11
N LYS E 107 22.94 24.52 21.05
CA LYS E 107 23.52 25.15 19.87
C LYS E 107 24.36 24.16 19.03
N LYS E 108 24.07 22.88 19.25
CA LYS E 108 24.68 21.78 18.48
C LYS E 108 23.59 20.79 18.13
N LEU E 109 23.86 19.99 17.10
CA LEU E 109 23.05 18.82 16.78
C LEU E 109 23.95 17.61 16.61
N ASN E 110 23.47 16.43 17.00
CA ASN E 110 24.20 15.20 16.71
C ASN E 110 24.42 15.13 15.22
N ILE E 111 25.61 14.70 14.84
CA ILE E 111 25.98 14.73 13.45
C ILE E 111 25.11 13.79 12.62
N GLU E 112 24.76 12.65 13.19
CA GLU E 112 23.89 11.68 12.53
C GLU E 112 22.51 12.27 12.28
N TYR E 113 22.05 13.05 13.25
CA TYR E 113 20.71 13.63 13.26
C TYR E 113 20.50 14.64 12.12
N ILE E 114 21.39 15.63 12.06
CA ILE E 114 21.33 16.63 11.00
C ILE E 114 21.51 16.00 9.61
N LYS E 115 22.43 15.03 9.49
CA LYS E 115 22.58 14.29 8.22
C LYS E 115 21.27 13.60 7.76
N ASP E 116 20.60 12.93 8.71
CA ASP E 116 19.36 12.23 8.45
C ASP E 116 18.28 13.22 8.02
N LEU E 117 18.21 14.35 8.75
CA LEU E 117 17.27 15.42 8.39
C LEU E 117 17.50 15.94 6.97
N LEU E 118 18.78 16.12 6.59
CA LEU E 118 19.10 16.72 5.30
C LEU E 118 18.86 15.76 4.15
N GLU E 119 19.30 14.52 4.31
CA GLU E 119 19.22 13.58 3.20
C GLU E 119 17.83 12.94 3.04
N ASN E 120 17.19 12.59 4.13
CA ASN E 120 16.04 11.69 4.04
C ASN E 120 14.68 12.33 4.19
N MET E 121 14.66 13.66 4.40
CA MET E 121 13.42 14.36 4.67
C MET E 121 13.28 15.72 3.96
N GLY E 122 12.11 16.32 4.10
CA GLY E 122 11.84 17.57 3.44
C GLY E 122 12.18 17.39 1.98
N ASP E 123 12.94 18.42 1.40
CA ASP E 123 13.40 18.34 0.02
C ASP E 123 14.77 17.68 -0.01
N ASN E 124 14.77 16.27 0.00
CA ASN E 124 15.99 15.46 0.11
C ASN E 124 17.23 15.96 -0.62
N PHE E 125 18.34 16.08 0.11
CA PHE E 125 19.63 16.36 -0.52
C PHE E 125 20.09 15.14 -1.30
N ASN E 126 20.56 15.35 -2.52
CA ASN E 126 21.29 14.31 -3.23
C ASN E 126 22.68 14.13 -2.58
N LYS E 127 23.38 13.04 -2.91
CA LYS E 127 24.67 12.74 -2.27
C LYS E 127 25.78 13.75 -2.61
N ASP E 128 25.62 14.50 -3.69
CA ASP E 128 26.60 15.52 -4.00
C ASP E 128 26.43 16.71 -3.08
N GLU E 129 25.17 17.13 -2.88
CA GLU E 129 24.86 18.17 -1.91
C GLU E 129 25.31 17.74 -0.52
N MET E 130 25.14 16.47 -0.18
CA MET E 130 25.60 16.02 1.13
C MET E 130 27.11 16.24 1.28
N ARG E 131 27.88 15.69 0.34
CA ARG E 131 29.35 15.80 0.38
C ARG E 131 29.86 17.27 0.46
N MET E 132 29.33 18.15 -0.37
CA MET E 132 29.78 19.54 -0.36
C MET E 132 29.43 20.26 0.93
N THR E 133 28.34 19.84 1.56
CA THR E 133 27.84 20.47 2.78
C THR E 133 28.70 20.14 4.00
N PHE E 134 29.08 18.87 4.12
CA PHE E 134 29.79 18.38 5.30
C PHE E 134 31.32 18.28 5.15
N LYS E 135 31.81 18.63 3.97
CA LYS E 135 33.24 18.54 3.70
C LYS E 135 33.98 19.38 4.73
N GLU E 136 33.42 20.53 5.04
CA GLU E 136 34.11 21.52 5.85
C GLU E 136 33.22 22.02 6.97
N ALA E 137 32.14 21.31 7.22
CA ALA E 137 31.22 21.70 8.28
C ALA E 137 32.05 21.64 9.57
N PRO E 138 31.78 22.57 10.50
CA PRO E 138 32.37 22.50 11.84
C PRO E 138 31.68 21.34 12.58
N VAL E 139 32.34 20.19 12.61
CA VAL E 139 31.83 19.08 13.40
C VAL E 139 32.98 18.80 14.35
N GLU E 140 32.65 18.65 15.63
CA GLU E 140 33.60 18.21 16.64
C GLU E 140 32.94 17.35 17.71
N GLY E 141 33.48 16.16 17.93
CA GLY E 141 32.96 15.25 18.95
C GLY E 141 31.57 14.76 18.62
N GLY E 142 31.34 14.46 17.34
CA GLY E 142 30.03 14.01 16.91
C GLY E 142 28.97 15.11 16.94
N LYS E 143 29.38 16.34 17.32
CA LYS E 143 28.45 17.49 17.37
C LYS E 143 28.66 18.52 16.25
N PHE E 144 27.59 18.77 15.51
CA PHE E 144 27.57 19.72 14.40
C PHE E 144 27.20 21.11 14.90
N ASP E 145 28.18 21.98 15.06
CA ASP E 145 27.95 23.32 15.60
C ASP E 145 27.32 24.23 14.57
N TYR E 146 25.99 24.27 14.56
CA TYR E 146 25.28 25.01 13.52
C TYR E 146 25.50 26.52 13.54
N VAL E 147 25.87 27.05 14.70
CA VAL E 147 26.13 28.48 14.79
C VAL E 147 27.33 28.86 13.92
N ARG E 148 28.48 28.23 14.17
CA ARG E 148 29.65 28.45 13.34
C ARG E 148 29.31 28.11 11.91
N PHE E 149 28.48 27.09 11.74
CA PHE E 149 28.11 26.65 10.41
C PHE E 149 27.36 27.73 9.65
N VAL E 150 26.40 28.39 10.30
CA VAL E 150 25.66 29.48 9.66
C VAL E 150 26.61 30.65 9.35
N ALA E 151 27.61 30.85 10.21
CA ALA E 151 28.60 31.89 9.99
C ALA E 151 29.44 31.58 8.75
N MET E 152 29.79 30.32 8.58
CA MET E 152 30.54 29.89 7.40
C MET E 152 29.66 29.98 6.17
N ILE E 153 28.40 29.58 6.33
CA ILE E 153 27.42 29.70 5.26
C ILE E 153 27.28 31.16 4.88
N LYS E 154 27.45 32.02 5.89
CA LYS E 154 27.51 33.47 5.67
C LYS E 154 26.19 34.22 5.87
N GLY E 155 25.08 33.49 5.88
CA GLY E 155 23.77 34.11 5.91
C GLY E 155 23.11 34.09 4.54
N SER E 156 23.95 33.93 3.53
CA SER E 156 23.48 33.74 2.14
C SER E 156 23.28 32.25 1.84
N LYS F 2 -20.06 9.74 3.81
CA LYS F 2 -18.72 9.85 4.35
C LYS F 2 -18.23 11.29 4.40
N LEU F 3 -16.95 11.50 4.08
CA LEU F 3 -16.24 12.76 4.38
C LEU F 3 -16.91 14.07 3.95
N SER F 4 -16.99 15.01 4.90
CA SER F 4 -17.44 16.38 4.62
C SER F 4 -16.32 17.13 3.92
N GLN F 5 -16.60 18.34 3.44
CA GLN F 5 -15.61 19.10 2.69
C GLN F 5 -14.41 19.50 3.54
N ASP F 6 -14.66 19.97 4.76
CA ASP F 6 -13.54 20.43 5.57
C ASP F 6 -12.78 19.27 6.24
N GLU F 7 -13.40 18.10 6.29
CA GLU F 7 -12.72 16.88 6.72
C GLU F 7 -11.67 16.49 5.68
N ILE F 8 -12.02 16.67 4.40
CA ILE F 8 -11.10 16.46 3.32
C ILE F 8 -10.01 17.53 3.36
N ASP F 9 -10.39 18.76 3.71
CA ASP F 9 -9.41 19.83 3.77
C ASP F 9 -8.35 19.56 4.80
N ASP F 10 -8.79 19.13 5.98
CA ASP F 10 -7.87 18.82 7.06
C ASP F 10 -6.94 17.70 6.62
N LEU F 11 -7.49 16.78 5.84
CA LEU F 11 -6.75 15.60 5.40
C LEU F 11 -5.69 15.96 4.39
N LYS F 12 -5.99 16.90 3.49
CA LYS F 12 -4.98 17.33 2.51
C LYS F 12 -3.84 18.01 3.24
N GLU F 13 -4.17 18.76 4.28
CA GLU F 13 -3.17 19.52 5.01
C GLU F 13 -2.25 18.62 5.86
N VAL F 14 -2.83 17.68 6.59
CA VAL F 14 -2.02 16.75 7.37
C VAL F 14 -1.19 15.85 6.45
N PHE F 15 -1.82 15.35 5.37
CA PHE F 15 -1.15 14.51 4.38
C PHE F 15 0.06 15.21 3.82
N GLU F 16 -0.12 16.48 3.45
CA GLU F 16 0.95 17.24 2.82
C GLU F 16 2.12 17.41 3.78
N LEU F 17 1.81 17.65 5.04
CA LEU F 17 2.82 17.75 6.10
C LEU F 17 3.66 16.48 6.30
N PHE F 18 3.01 15.31 6.28
CA PHE F 18 3.72 14.03 6.46
C PHE F 18 4.46 13.65 5.20
N ASP F 19 3.89 14.04 4.07
CA ASP F 19 4.54 13.89 2.77
C ASP F 19 5.88 14.57 2.78
N PHE F 20 5.92 15.79 3.31
CA PHE F 20 7.16 16.51 3.51
C PHE F 20 8.14 15.70 4.38
N TRP F 21 7.66 15.18 5.51
CA TRP F 21 8.54 14.51 6.48
C TRP F 21 9.20 13.18 6.11
N ASP F 22 8.65 12.44 5.15
CA ASP F 22 9.41 11.31 4.61
C ASP F 22 9.89 11.58 3.18
N GLY F 23 10.19 12.85 2.88
CA GLY F 23 10.71 13.27 1.60
C GLY F 23 9.47 13.80 0.89
N ARG F 24 9.59 14.90 0.15
CA ARG F 24 8.42 15.49 -0.49
C ARG F 24 8.25 15.00 -1.93
N ASP F 25 7.27 14.14 -2.15
CA ASP F 25 7.11 13.46 -3.43
C ASP F 25 5.64 13.04 -3.66
N GLY F 26 4.74 13.62 -2.87
CA GLY F 26 3.32 13.42 -3.06
C GLY F 26 2.82 12.09 -2.54
N ALA F 27 3.55 11.49 -1.61
CA ALA F 27 3.11 10.24 -1.03
C ALA F 27 3.45 10.18 0.43
N VAL F 28 2.65 9.48 1.21
CA VAL F 28 2.97 9.28 2.61
C VAL F 28 3.32 7.83 2.86
N ASP F 29 4.43 7.61 3.56
CA ASP F 29 4.83 6.26 3.92
C ASP F 29 3.69 5.51 4.65
N ALA F 30 3.50 4.25 4.27
CA ALA F 30 2.44 3.42 4.81
C ALA F 30 2.61 3.18 6.32
N PHE F 31 3.84 3.35 6.80
CA PHE F 31 4.15 3.25 8.22
C PHE F 31 3.58 4.42 9.02
N LYS F 32 3.13 5.47 8.35
CA LYS F 32 2.64 6.66 9.07
C LYS F 32 1.14 6.84 9.00
N ILE F 33 0.42 5.87 8.44
CA ILE F 33 -1.00 6.07 8.22
C ILE F 33 -1.63 6.44 9.52
N GLY F 34 -1.39 5.65 10.54
CA GLY F 34 -1.98 5.89 11.83
C GLY F 34 -1.69 7.28 12.39
N ASP F 35 -0.44 7.75 12.26
CA ASP F 35 -0.11 9.03 12.85
C ASP F 35 -0.85 10.16 12.13
N VAL F 36 -0.96 10.03 10.81
CA VAL F 36 -1.77 10.95 10.04
C VAL F 36 -3.17 10.98 10.61
N CYS F 37 -3.80 9.81 10.74
CA CYS F 37 -5.17 9.70 11.22
C CYS F 37 -5.32 10.21 12.65
N ARG F 38 -4.28 10.02 13.46
CA ARG F 38 -4.33 10.49 14.84
C ARG F 38 -4.35 12.02 14.91
N CYS F 39 -3.64 12.67 13.99
CA CYS F 39 -3.65 14.13 13.90
C CYS F 39 -5.04 14.68 13.63
N LEU F 40 -5.79 13.97 12.81
CA LEU F 40 -7.13 14.36 12.40
C LEU F 40 -8.18 14.00 13.42
N GLY F 41 -7.75 13.77 14.65
CA GLY F 41 -8.70 13.61 15.73
C GLY F 41 -9.13 12.20 16.08
N ILE F 42 -8.71 11.20 15.29
CA ILE F 42 -9.13 9.83 15.60
C ILE F 42 -8.07 8.98 16.33
N ASN F 43 -8.53 7.91 16.98
CA ASN F 43 -7.66 7.11 17.84
C ASN F 43 -7.69 5.62 17.55
N PRO F 44 -7.13 5.20 16.41
CA PRO F 44 -7.13 3.78 16.06
C PRO F 44 -6.08 3.03 16.86
N ARG F 45 -6.28 1.72 16.99
CA ARG F 45 -5.25 0.86 17.53
C ARG F 45 -4.33 0.49 16.40
N ASN F 46 -3.12 0.07 16.71
CA ASN F 46 -2.20 -0.37 15.68
C ASN F 46 -2.82 -1.51 14.85
N GLU F 47 -3.46 -2.44 15.55
CA GLU F 47 -4.24 -3.52 14.93
C GLU F 47 -5.16 -2.96 13.84
N ASP F 48 -5.80 -1.82 14.15
CA ASP F 48 -6.75 -1.20 13.25
C ASP F 48 -6.09 -0.67 11.99
N VAL F 49 -4.91 -0.08 12.16
CA VAL F 49 -4.20 0.49 11.01
C VAL F 49 -3.44 -0.55 10.18
N PHE F 50 -3.07 -1.68 10.78
CA PHE F 50 -2.58 -2.82 9.98
C PHE F 50 -3.71 -3.33 9.12
N ALA F 51 -4.94 -3.22 9.63
CA ALA F 51 -6.11 -3.72 8.93
C ALA F 51 -6.45 -2.94 7.66
N VAL F 52 -6.12 -1.65 7.61
CA VAL F 52 -6.30 -0.86 6.39
C VAL F 52 -5.02 -0.76 5.54
N GLY F 53 -4.00 -1.53 5.88
CA GLY F 53 -2.80 -1.58 5.05
C GLY F 53 -1.54 -0.95 5.64
N GLY F 54 -1.61 -0.52 6.89
CA GLY F 54 -0.45 0.04 7.57
C GLY F 54 0.69 -0.96 7.64
N THR F 55 1.92 -0.48 7.57
CA THR F 55 3.06 -1.38 7.53
C THR F 55 3.80 -1.38 8.87
N HIS F 56 4.92 -2.09 8.91
CA HIS F 56 5.60 -2.40 10.17
C HIS F 56 6.94 -1.69 10.28
N LYS F 57 7.29 -0.98 9.23
CA LYS F 57 8.44 -0.10 9.28
C LYS F 57 8.47 0.79 8.06
N MET F 58 9.24 1.87 8.15
CA MET F 58 9.38 2.80 7.05
C MET F 58 10.03 2.11 5.86
N GLY F 59 9.68 2.56 4.66
CA GLY F 59 10.40 2.16 3.48
C GLY F 59 9.80 0.99 2.75
N GLU F 60 8.75 0.39 3.30
CA GLU F 60 8.08 -0.73 2.65
C GLU F 60 7.11 -0.25 1.58
N LYS F 61 6.33 0.78 1.88
CA LYS F 61 5.23 1.20 1.00
C LYS F 61 4.84 2.65 1.21
N SER F 62 4.58 3.36 0.11
CA SER F 62 4.15 4.76 0.13
C SER F 62 2.82 4.96 -0.60
N LEU F 63 1.94 5.76 -0.03
CA LEU F 63 0.63 5.98 -0.60
C LEU F 63 0.44 7.38 -1.16
N PRO F 64 0.03 7.48 -2.42
CA PRO F 64 -0.40 8.80 -2.89
C PRO F 64 -1.79 9.10 -2.32
N PHE F 65 -2.14 10.37 -2.22
CA PHE F 65 -3.39 10.79 -1.62
C PHE F 65 -4.58 9.90 -2.00
N GLU F 66 -4.70 9.57 -3.28
CA GLU F 66 -5.87 8.86 -3.77
C GLU F 66 -6.00 7.45 -3.17
N GLU F 67 -4.86 6.88 -2.73
CA GLU F 67 -4.89 5.59 -2.05
C GLU F 67 -4.97 5.79 -0.56
N PHE F 68 -4.55 6.96 -0.11
CA PHE F 68 -4.54 7.26 1.30
C PHE F 68 -5.95 7.53 1.83
N LEU F 69 -6.80 8.07 0.96
CA LEU F 69 -8.16 8.42 1.35
C LEU F 69 -8.98 7.22 1.84
N PRO F 70 -9.01 6.13 1.07
CA PRO F 70 -9.83 5.00 1.51
C PRO F 70 -9.31 4.37 2.81
N ALA F 71 -8.02 4.53 3.10
CA ALA F 71 -7.46 3.99 4.34
C ALA F 71 -7.93 4.80 5.54
N TYR F 72 -8.07 6.10 5.35
CA TYR F 72 -8.57 6.95 6.41
C TYR F 72 -10.10 6.80 6.58
N GLU F 73 -10.80 6.61 5.46
CA GLU F 73 -12.24 6.40 5.54
C GLU F 73 -12.54 5.11 6.32
N GLY F 74 -11.71 4.09 6.09
CA GLY F 74 -11.82 2.82 6.77
C GLY F 74 -11.42 2.81 8.24
N LEU F 75 -10.72 3.86 8.68
CA LEU F 75 -10.31 3.98 10.09
C LEU F 75 -11.26 4.87 10.85
N MET F 76 -11.97 5.69 10.10
CA MET F 76 -12.86 6.68 10.68
C MET F 76 -13.87 6.05 11.65
N ASP F 77 -14.27 4.81 11.37
CA ASP F 77 -15.25 4.19 12.23
C ASP F 77 -14.65 3.05 13.05
N CYS F 78 -13.43 3.29 13.55
CA CYS F 78 -12.72 2.33 14.39
C CYS F 78 -13.24 2.42 15.81
N GLU F 79 -13.17 1.32 16.56
CA GLU F 79 -13.69 1.32 17.93
C GLU F 79 -12.83 2.10 18.94
N GLN F 80 -13.49 2.89 19.78
CA GLN F 80 -12.80 3.68 20.78
C GLN F 80 -13.24 3.37 22.20
N GLY F 81 -12.31 3.46 23.13
CA GLY F 81 -12.60 3.19 24.52
C GLY F 81 -13.49 4.23 25.17
N THR F 82 -14.39 3.77 26.02
CA THR F 82 -15.29 4.64 26.76
C THR F 82 -14.74 4.83 28.16
N TYR F 83 -14.97 5.99 28.74
CA TYR F 83 -14.61 6.18 30.13
C TYR F 83 -14.98 4.94 30.99
N ALA F 84 -16.22 4.51 30.91
CA ALA F 84 -16.69 3.34 31.66
C ALA F 84 -15.73 2.18 31.60
N ASP F 85 -15.30 1.83 30.38
CA ASP F 85 -14.38 0.70 30.20
C ASP F 85 -13.05 0.92 30.87
N TYR F 86 -12.47 2.10 30.69
CA TYR F 86 -11.16 2.33 31.24
C TYR F 86 -11.21 2.24 32.76
N MET F 87 -12.28 2.77 33.35
CA MET F 87 -12.45 2.68 34.79
C MET F 87 -12.48 1.23 35.29
N GLU F 88 -13.24 0.38 34.61
CA GLU F 88 -13.22 -1.04 34.87
C GLU F 88 -11.77 -1.52 34.85
N ALA F 89 -11.10 -1.46 33.70
CA ALA F 89 -9.72 -1.95 33.60
C ALA F 89 -8.84 -1.53 34.77
N PHE F 90 -8.80 -0.24 35.08
CA PHE F 90 -7.95 0.24 36.17
C PHE F 90 -8.35 -0.23 37.56
N LYS F 91 -9.64 -0.49 37.75
CA LYS F 91 -10.08 -1.07 39.00
C LYS F 91 -9.40 -2.42 39.32
N THR F 92 -9.28 -3.30 38.32
CA THR F 92 -8.71 -4.63 38.56
C THR F 92 -7.25 -4.54 39.00
N PHE F 93 -6.73 -3.31 38.99
CA PHE F 93 -5.39 -3.05 39.52
C PHE F 93 -5.48 -2.32 40.86
N ASP F 94 -6.67 -1.81 41.16
CA ASP F 94 -6.90 -1.17 42.46
C ASP F 94 -7.13 -2.29 43.48
N ARG F 95 -6.04 -2.75 44.07
CA ARG F 95 -6.11 -3.80 45.08
C ARG F 95 -7.04 -3.34 46.22
N GLU F 96 -6.83 -2.10 46.66
CA GLU F 96 -7.65 -1.51 47.71
C GLU F 96 -8.66 -0.45 47.24
N GLY F 97 -9.92 -0.86 47.17
CA GLY F 97 -11.06 0.04 47.05
C GLY F 97 -11.00 1.25 46.13
N GLN F 98 -10.56 2.40 46.65
CA GLN F 98 -10.93 3.68 46.03
C GLN F 98 -9.88 4.50 45.30
N GLY F 99 -9.75 4.23 44.00
CA GLY F 99 -9.15 5.16 43.06
C GLY F 99 -7.65 5.32 43.04
N PHE F 100 -6.92 4.57 43.88
CA PHE F 100 -5.47 4.72 43.92
C PHE F 100 -4.74 3.57 43.24
N ILE F 101 -3.62 3.90 42.62
CA ILE F 101 -2.75 2.91 42.00
C ILE F 101 -1.31 3.44 42.04
N SER F 102 -0.35 2.52 42.13
CA SER F 102 1.06 2.89 42.31
C SER F 102 1.66 3.43 41.04
N GLY F 103 2.28 4.61 41.11
CA GLY F 103 2.88 5.22 39.95
C GLY F 103 3.86 4.27 39.26
N ALA F 104 3.95 3.06 39.79
CA ALA F 104 4.89 2.08 39.28
C ALA F 104 4.17 0.99 38.51
N GLU F 105 3.04 0.52 39.04
CA GLU F 105 2.24 -0.45 38.29
C GLU F 105 1.57 0.22 37.10
N LEU F 106 1.52 1.56 37.13
CA LEU F 106 1.02 2.29 35.99
C LEU F 106 1.94 2.00 34.82
N ARG F 107 3.17 2.49 34.92
CA ARG F 107 4.18 2.16 33.92
C ARG F 107 4.05 0.70 33.52
N HIS F 108 3.89 -0.19 34.49
CA HIS F 108 3.76 -1.59 34.13
C HIS F 108 2.65 -1.84 33.11
N VAL F 109 1.46 -1.30 33.38
CA VAL F 109 0.32 -1.60 32.52
C VAL F 109 0.52 -0.95 31.16
N LEU F 110 0.87 0.33 31.16
CA LEU F 110 1.11 1.05 29.93
C LEU F 110 2.18 0.40 29.03
N SER F 111 3.31 0.04 29.60
CA SER F 111 4.42 -0.43 28.77
C SER F 111 4.57 -1.96 28.73
N GLY F 112 3.64 -2.69 29.34
CA GLY F 112 3.76 -4.15 29.44
C GLY F 112 2.53 -4.97 29.06
N LEU F 113 1.38 -4.29 28.90
CA LEU F 113 0.17 -4.98 28.45
C LEU F 113 -0.36 -4.42 27.12
N GLY F 114 -1.26 -5.17 26.49
CA GLY F 114 -1.88 -4.74 25.25
C GLY F 114 -0.89 -4.30 24.18
N GLU F 115 -1.14 -3.15 23.56
CA GLU F 115 -0.23 -2.58 22.55
C GLU F 115 0.87 -1.76 23.27
N ARG F 116 1.88 -2.46 23.76
CA ARG F 116 2.89 -1.89 24.66
C ARG F 116 3.46 -0.57 24.19
N LEU F 117 3.40 0.44 25.05
CA LEU F 117 3.95 1.75 24.77
C LEU F 117 5.42 1.81 25.20
N SER F 118 6.25 2.45 24.38
CA SER F 118 7.66 2.64 24.71
C SER F 118 7.80 3.50 25.96
N ASP F 119 8.95 3.40 26.60
CA ASP F 119 9.27 4.17 27.78
C ASP F 119 9.28 5.67 27.54
N GLU F 120 9.67 6.11 26.35
CA GLU F 120 9.69 7.54 26.04
C GLU F 120 8.28 8.11 25.93
N GLU F 121 7.34 7.27 25.47
CA GLU F 121 5.94 7.68 25.36
C GLU F 121 5.32 7.69 26.73
N VAL F 122 5.54 6.61 27.47
CA VAL F 122 4.97 6.52 28.81
C VAL F 122 5.48 7.66 29.69
N ASP F 123 6.76 8.02 29.57
CA ASP F 123 7.27 9.23 30.21
C ASP F 123 6.51 10.45 29.73
N GLU F 124 6.50 10.62 28.41
CA GLU F 124 5.96 11.80 27.72
C GLU F 124 4.53 12.13 28.16
N ILE F 125 3.71 11.10 28.35
CA ILE F 125 2.30 11.30 28.68
C ILE F 125 2.10 11.62 30.15
N ILE F 126 2.83 10.92 31.01
CA ILE F 126 2.77 11.23 32.41
C ILE F 126 3.27 12.64 32.63
N ASN F 127 4.21 13.06 31.80
CA ASN F 127 4.73 14.41 31.97
C ASN F 127 3.76 15.49 31.44
N LEU F 128 3.02 15.16 30.37
CA LEU F 128 2.18 16.16 29.69
C LEU F 128 0.82 16.32 30.34
N THR F 129 0.34 15.27 31.01
CA THR F 129 -0.90 15.32 31.76
C THR F 129 -0.62 15.92 33.12
N ASP F 130 0.66 15.89 33.49
CA ASP F 130 1.11 16.37 34.79
C ASP F 130 0.44 15.58 35.91
N LEU F 131 0.57 14.27 35.84
CA LEU F 131 0.11 13.37 36.89
C LEU F 131 1.19 13.23 37.97
N GLN F 132 0.98 13.88 39.12
CA GLN F 132 1.91 13.83 40.24
C GLN F 132 1.60 12.64 41.17
N GLU F 133 2.62 12.17 41.90
CA GLU F 133 2.43 11.10 42.87
C GLU F 133 2.12 11.78 44.21
N ASP F 134 1.27 11.13 45.01
CA ASP F 134 0.97 11.58 46.36
C ASP F 134 1.97 10.97 47.35
N LEU F 135 1.70 11.18 48.64
CA LEU F 135 2.58 10.75 49.72
C LEU F 135 3.40 9.45 49.70
N GLU F 136 2.70 8.34 49.49
CA GLU F 136 3.33 7.04 49.25
C GLU F 136 3.75 6.85 47.79
N GLY F 137 3.67 7.91 47.00
CA GLY F 137 4.01 7.84 45.59
C GLY F 137 3.02 7.05 44.75
N ASN F 138 1.73 7.23 45.01
CA ASN F 138 0.70 6.63 44.17
C ASN F 138 0.05 7.72 43.32
N VAL F 139 -0.89 7.31 42.45
CA VAL F 139 -1.56 8.24 41.54
C VAL F 139 -3.07 7.95 41.40
N LYS F 140 -3.88 9.00 41.36
CA LYS F 140 -5.32 8.87 41.14
C LYS F 140 -5.63 8.50 39.69
N TYR F 141 -6.06 7.28 39.41
CA TYR F 141 -6.29 6.91 38.01
C TYR F 141 -7.51 7.53 37.31
N GLU F 142 -8.43 8.07 38.09
CA GLU F 142 -9.57 8.77 37.51
C GLU F 142 -9.05 10.02 36.82
N GLU F 143 -8.19 10.75 37.51
CA GLU F 143 -7.61 11.97 36.98
C GLU F 143 -6.87 11.71 35.68
N PHE F 144 -6.06 10.66 35.66
CA PHE F 144 -5.30 10.32 34.47
C PHE F 144 -6.19 9.95 33.28
N VAL F 145 -7.14 9.05 33.49
CA VAL F 145 -8.00 8.61 32.39
C VAL F 145 -8.80 9.77 31.82
N LYS F 146 -9.19 10.69 32.68
CA LYS F 146 -9.96 11.85 32.22
C LYS F 146 -9.06 12.75 31.39
N LYS F 147 -7.87 13.02 31.90
CA LYS F 147 -6.94 13.93 31.26
C LYS F 147 -6.51 13.40 29.90
N VAL F 148 -6.40 12.08 29.78
CA VAL F 148 -5.94 11.46 28.55
C VAL F 148 -7.03 11.52 27.50
N MET F 149 -8.27 11.29 27.94
CA MET F 149 -9.42 11.29 27.05
C MET F 149 -9.77 12.66 26.50
N THR F 150 -9.65 13.71 27.33
CA THR F 150 -9.96 15.05 26.83
C THR F 150 -8.81 15.67 26.04
N GLY F 151 -7.65 15.01 26.05
CA GLY F 151 -6.53 15.40 25.21
C GLY F 151 -5.93 16.78 25.52
N PRO F 152 -4.94 17.18 24.70
CA PRO F 152 -4.18 18.43 24.84
C PRO F 152 -4.96 19.65 24.37
MG MG G . 23.63 -12.61 19.62
CA CA H . -13.46 -7.53 -13.48
MG MG I . 29.84 49.83 -20.44
CA CA J . 6.60 11.79 0.85
#